data_1PV9
#
_entry.id   1PV9
#
_cell.length_a   56.476
_cell.length_b   97.227
_cell.length_c   69.882
_cell.angle_alpha   90.00
_cell.angle_beta   97.09
_cell.angle_gamma   90.00
#
_symmetry.space_group_name_H-M   'P 1 21 1'
#
loop_
_entity.id
_entity.type
_entity.pdbx_description
1 polymer 'Xaa-Pro dipeptidase'
2 non-polymer 'ZINC ION'
3 water water
#
_entity_poly.entity_id   1
_entity_poly.type   'polypeptide(L)'
_entity_poly.pdbx_seq_one_letter_code
;MKERLEKLVKFMDENSIDRVFIAKPVNVYYFSGTSPLGGGYIIVDGDEATLYVPELEYEMAKEESKLPVVKFKKFDEIYE
ILKNTETLGIEGTLSYSMVENFKEKSNVKEFKKIDDVIKDLRIIKTKEEIEIIEKACEIADKAVMAAIEEITEGKREREV
AAKVEYLMKMNGAEKPAFDTIIASGHRSALPHGVASDKRIERGDLVVIDLGALYNHYNSDITRTIVVGSPNEKQREIYEI
VLEAQKRAVEAAKPGMTAKELDSIAREIIKEYGYGDYFIHSLGHGVGLEIHEWPRISQYDETVLKEGMVITIEPGIYIPK
LGGVRIEDTVLITENGAKRLTKTERELL
;
_entity_poly.pdbx_strand_id   A,B
#
# COMPACT_ATOMS: atom_id res chain seq x y z
N LEU A 8 17.48 -3.41 20.94
CA LEU A 8 16.41 -2.40 21.23
C LEU A 8 16.41 -2.03 22.72
N VAL A 9 16.53 -3.05 23.56
CA VAL A 9 16.61 -2.87 25.01
C VAL A 9 17.83 -2.01 25.38
N LYS A 10 18.94 -2.26 24.69
CA LYS A 10 20.17 -1.47 24.88
C LYS A 10 19.96 -0.01 24.46
N PHE A 11 19.26 0.19 23.33
CA PHE A 11 18.94 1.52 22.83
C PHE A 11 18.05 2.29 23.80
N MET A 12 17.11 1.60 24.42
CA MET A 12 16.18 2.20 25.39
C MET A 12 16.89 2.74 26.61
N ASP A 13 17.81 1.94 27.16
CA ASP A 13 18.56 2.28 28.37
C ASP A 13 19.54 3.43 28.13
N GLU A 14 20.15 3.45 26.94
CA GLU A 14 21.10 4.50 26.56
C GLU A 14 20.41 5.85 26.36
N ASN A 15 19.18 5.82 25.87
CA ASN A 15 18.44 7.04 25.52
C ASN A 15 17.34 7.40 26.50
N SER A 16 17.37 6.79 27.69
CA SER A 16 16.38 7.00 28.74
C SER A 16 14.94 6.84 28.25
N ILE A 17 14.71 5.76 27.50
CA ILE A 17 13.37 5.41 27.03
C ILE A 17 12.76 4.39 28.00
N ASP A 18 11.65 4.76 28.61
CA ASP A 18 10.98 3.91 29.60
C ASP A 18 10.24 2.75 28.95
N ARG A 19 9.51 3.03 27.88
CA ARG A 19 8.74 2.01 27.17
C ARG A 19 8.76 2.26 25.66
N VAL A 20 8.64 1.17 24.88
CA VAL A 20 8.63 1.25 23.43
C VAL A 20 7.30 0.70 22.87
N PHE A 21 6.79 1.38 21.84
CA PHE A 21 5.58 0.96 21.14
C PHE A 21 5.89 0.74 19.65
N ILE A 22 5.63 -0.47 19.18
CA ILE A 22 5.83 -0.82 17.77
C ILE A 22 4.50 -1.24 17.13
N ALA A 23 4.18 -0.60 16.01
CA ALA A 23 2.86 -0.77 15.38
C ALA A 23 2.91 -1.17 13.89
N LYS A 24 4.02 -0.87 13.22
CA LYS A 24 4.16 -1.19 11.79
C LYS A 24 4.22 -2.71 11.59
N PRO A 25 3.26 -3.25 10.84
CA PRO A 25 3.14 -4.70 10.62
C PRO A 25 4.44 -5.43 10.34
N VAL A 26 5.30 -4.90 9.46
CA VAL A 26 6.57 -5.55 9.15
C VAL A 26 7.52 -5.61 10.35
N ASN A 27 7.49 -4.57 11.18
CA ASN A 27 8.33 -4.51 12.38
C ASN A 27 7.79 -5.42 13.48
N VAL A 28 6.47 -5.52 13.57
CA VAL A 28 5.80 -6.45 14.48
C VAL A 28 6.20 -7.89 14.11
N TYR A 29 6.19 -8.20 12.82
CA TYR A 29 6.62 -9.51 12.34
C TYR A 29 8.10 -9.75 12.63
N TYR A 30 8.92 -8.73 12.41
CA TYR A 30 10.37 -8.84 12.59
C TYR A 30 10.79 -9.19 14.02
N PHE A 31 10.07 -8.63 15.00
CA PHE A 31 10.41 -8.84 16.41
C PHE A 31 9.63 -9.97 17.08
N SER A 32 8.44 -10.28 16.57
CA SER A 32 7.60 -11.31 17.19
C SER A 32 7.57 -12.65 16.43
N GLY A 33 7.92 -12.62 15.14
CA GLY A 33 7.92 -13.82 14.32
C GLY A 33 6.57 -14.18 13.75
N THR A 34 5.57 -13.35 14.03
CA THR A 34 4.20 -13.57 13.56
C THR A 34 3.55 -12.27 13.09
N SER A 35 2.63 -12.38 12.13
CA SER A 35 1.95 -11.21 11.57
C SER A 35 0.42 -11.36 11.69
N PRO A 36 -0.14 -10.83 12.78
CA PRO A 36 -1.58 -10.96 13.04
C PRO A 36 -2.42 -10.18 12.03
N LEU A 37 -3.41 -10.85 11.44
CA LEU A 37 -4.20 -10.31 10.34
C LEU A 37 -4.96 -9.02 10.68
N GLY A 38 -5.43 -8.91 11.92
CA GLY A 38 -6.08 -7.70 12.39
C GLY A 38 -5.04 -6.62 12.68
N GLY A 39 -4.65 -6.51 13.95
CA GLY A 39 -3.66 -5.54 14.36
C GLY A 39 -2.81 -6.01 15.52
N GLY A 40 -1.56 -6.35 15.23
CA GLY A 40 -0.61 -6.74 16.26
C GLY A 40 0.23 -5.54 16.68
N TYR A 41 0.52 -5.44 17.97
CA TYR A 41 1.32 -4.35 18.51
C TYR A 41 2.26 -4.86 19.60
N ILE A 42 3.51 -4.42 19.55
CA ILE A 42 4.50 -4.82 20.55
C ILE A 42 4.78 -3.68 21.53
N ILE A 43 4.68 -3.99 22.82
CA ILE A 43 5.10 -3.06 23.86
C ILE A 43 6.27 -3.64 24.64
N VAL A 44 7.39 -2.90 24.64
CA VAL A 44 8.57 -3.30 25.39
C VAL A 44 8.67 -2.46 26.65
N ASP A 45 8.55 -3.12 27.81
CA ASP A 45 8.66 -2.46 29.10
C ASP A 45 9.98 -2.82 29.76
N GLY A 46 10.99 -1.97 29.56
CA GLY A 46 12.33 -2.23 30.07
C GLY A 46 13.02 -3.32 29.30
N ASP A 47 12.99 -4.53 29.84
CA ASP A 47 13.67 -5.69 29.23
C ASP A 47 12.71 -6.72 28.62
N GLU A 48 11.42 -6.61 28.95
CA GLU A 48 10.42 -7.59 28.51
C GLU A 48 9.52 -7.09 27.37
N ALA A 49 9.54 -7.83 26.26
CA ALA A 49 8.72 -7.52 25.10
C ALA A 49 7.46 -8.37 25.09
N THR A 50 6.33 -7.73 24.76
CA THR A 50 5.03 -8.40 24.74
C THR A 50 4.25 -8.06 23.48
N LEU A 51 3.63 -9.08 22.89
CA LEU A 51 2.80 -8.90 21.70
C LEU A 51 1.33 -8.79 22.09
N TYR A 52 0.69 -7.72 21.61
CA TYR A 52 -0.73 -7.49 21.88
C TYR A 52 -1.53 -7.74 20.60
N VAL A 53 -2.53 -8.62 20.70
CA VAL A 53 -3.36 -9.02 19.55
C VAL A 53 -4.85 -8.90 19.88
N PRO A 54 -5.69 -8.69 18.86
CA PRO A 54 -7.14 -8.77 19.04
C PRO A 54 -7.57 -10.15 19.53
N GLU A 55 -8.61 -10.19 20.36
CA GLU A 55 -9.05 -11.41 21.05
C GLU A 55 -9.19 -12.64 20.16
N LEU A 56 -9.64 -12.43 18.92
CA LEU A 56 -9.87 -13.53 17.98
C LEU A 56 -8.65 -13.87 17.12
N GLU A 57 -7.49 -13.32 17.49
CA GLU A 57 -6.22 -13.65 16.87
C GLU A 57 -5.24 -14.24 17.89
N TYR A 58 -5.75 -14.55 19.08
CA TYR A 58 -4.94 -15.04 20.20
C TYR A 58 -4.33 -16.42 19.96
N GLU A 59 -5.18 -17.37 19.52
CA GLU A 59 -4.74 -18.74 19.27
C GLU A 59 -3.58 -18.81 18.27
N MET A 60 -3.77 -18.22 17.10
CA MET A 60 -2.76 -18.22 16.04
C MET A 60 -1.46 -17.53 16.47
N ALA A 61 -1.60 -16.42 17.19
CA ALA A 61 -0.44 -15.67 17.68
C ALA A 61 0.36 -16.47 18.72
N LYS A 62 -0.35 -17.21 19.57
CA LYS A 62 0.28 -18.05 20.58
C LYS A 62 1.07 -19.22 19.97
N GLU A 63 0.59 -19.70 18.83
CA GLU A 63 1.22 -20.82 18.12
C GLU A 63 2.54 -20.42 17.45
N GLU A 64 2.65 -19.15 17.05
CA GLU A 64 3.74 -18.70 16.18
C GLU A 64 4.71 -17.70 16.79
N SER A 65 4.22 -16.85 17.70
CA SER A 65 5.02 -15.75 18.26
C SER A 65 6.15 -16.23 19.17
N LYS A 66 7.31 -15.60 19.02
CA LYS A 66 8.48 -15.88 19.85
C LYS A 66 8.46 -15.00 21.11
N LEU A 67 7.38 -14.26 21.29
CA LEU A 67 7.20 -13.34 22.41
C LEU A 67 5.92 -13.70 23.19
N PRO A 68 5.86 -13.34 24.47
CA PRO A 68 4.62 -13.45 25.25
C PRO A 68 3.45 -12.70 24.59
N VAL A 69 2.28 -13.34 24.57
CA VAL A 69 1.12 -12.79 23.87
C VAL A 69 -0.01 -12.46 24.85
N VAL A 70 -0.56 -11.26 24.74
CA VAL A 70 -1.65 -10.81 25.59
C VAL A 70 -2.77 -10.22 24.73
N LYS A 71 -4.00 -10.73 24.90
CA LYS A 71 -5.13 -10.32 24.07
C LYS A 71 -5.79 -9.02 24.56
N PHE A 72 -6.45 -8.32 23.64
CA PHE A 72 -7.28 -7.16 23.98
C PHE A 72 -8.62 -7.18 23.24
N LYS A 73 -9.65 -6.64 23.89
CA LYS A 73 -10.98 -6.53 23.28
C LYS A 73 -11.07 -5.28 22.41
N LYS A 74 -10.54 -4.16 22.92
CA LYS A 74 -10.49 -2.90 22.19
C LYS A 74 -9.08 -2.34 22.19
N PHE A 75 -8.75 -1.57 21.14
CA PHE A 75 -7.43 -0.97 21.02
C PHE A 75 -7.14 0.05 22.13
N ASP A 76 -8.18 0.72 22.61
CA ASP A 76 -8.06 1.75 23.63
C ASP A 76 -7.44 1.25 24.94
N GLU A 77 -7.34 -0.08 25.07
CA GLU A 77 -6.69 -0.71 26.22
C GLU A 77 -5.19 -0.46 26.27
N ILE A 78 -4.59 -0.22 25.10
CA ILE A 78 -3.17 0.07 24.98
C ILE A 78 -2.80 1.40 25.65
N TYR A 79 -3.70 2.38 25.54
CA TYR A 79 -3.51 3.69 26.19
C TYR A 79 -3.42 3.55 27.71
N GLU A 80 -4.10 2.55 28.25
CA GLU A 80 -4.09 2.27 29.68
C GLU A 80 -2.80 1.55 30.13
N ILE A 81 -2.29 0.66 29.28
CA ILE A 81 -1.08 -0.11 29.63
C ILE A 81 0.19 0.74 29.58
N LEU A 82 0.19 1.76 28.73
CA LEU A 82 1.26 2.76 28.70
C LEU A 82 0.82 3.98 29.52
N LYS A 83 0.27 3.69 30.70
CA LYS A 83 -0.40 4.67 31.58
C LYS A 83 0.28 6.03 31.69
N ASN A 84 1.43 6.05 32.37
CA ASN A 84 2.13 7.31 32.65
C ASN A 84 3.62 7.24 32.34
N THR A 85 3.97 6.63 31.21
CA THR A 85 5.36 6.58 30.76
C THR A 85 5.83 7.97 30.36
N GLU A 86 6.95 8.39 30.95
CA GLU A 86 7.52 9.71 30.69
C GLU A 86 8.03 9.81 29.25
N THR A 87 8.90 8.87 28.87
CA THR A 87 9.45 8.83 27.52
C THR A 87 9.01 7.54 26.82
N LEU A 88 8.32 7.70 25.70
CA LEU A 88 7.89 6.56 24.90
C LEU A 88 8.66 6.48 23.59
N GLY A 89 9.30 5.34 23.36
CA GLY A 89 10.01 5.08 22.12
C GLY A 89 9.05 4.62 21.03
N ILE A 90 9.05 5.34 19.92
CA ILE A 90 8.13 5.05 18.81
C ILE A 90 8.87 4.97 17.47
N GLU A 91 8.22 4.34 16.49
CA GLU A 91 8.71 4.34 15.12
C GLU A 91 8.43 5.71 14.49
N GLY A 92 9.30 6.12 13.58
CA GLY A 92 9.13 7.39 12.87
C GLY A 92 7.91 7.42 11.97
N THR A 93 7.42 6.24 11.59
CA THR A 93 6.23 6.10 10.74
C THR A 93 4.93 6.31 11.52
N LEU A 94 4.99 6.26 12.85
CA LEU A 94 3.81 6.45 13.69
C LEU A 94 3.12 7.76 13.37
N SER A 95 1.80 7.70 13.21
CA SER A 95 1.01 8.86 12.78
C SER A 95 0.93 9.95 13.86
N TYR A 96 0.78 11.19 13.40
CA TYR A 96 0.58 12.35 14.28
C TYR A 96 -0.61 12.15 15.21
N SER A 97 -1.70 11.61 14.67
CA SER A 97 -2.91 11.31 15.44
C SER A 97 -2.61 10.39 16.63
N MET A 98 -1.80 9.37 16.38
CA MET A 98 -1.43 8.40 17.42
C MET A 98 -0.51 9.00 18.49
N VAL A 99 0.41 9.85 18.05
CA VAL A 99 1.29 10.57 18.97
C VAL A 99 0.47 11.50 19.87
N GLU A 100 -0.48 12.22 19.28
CA GLU A 100 -1.39 13.10 20.02
C GLU A 100 -2.30 12.30 20.95
N ASN A 101 -2.67 11.09 20.52
CA ASN A 101 -3.47 10.18 21.35
C ASN A 101 -2.71 9.74 22.60
N PHE A 102 -1.41 9.48 22.43
CA PHE A 102 -0.55 9.10 23.55
C PHE A 102 -0.34 10.25 24.53
N LYS A 103 -0.37 11.48 24.00
CA LYS A 103 -0.26 12.68 24.82
C LYS A 103 -1.48 12.88 25.72
N GLU A 104 -2.66 12.69 25.14
CA GLU A 104 -3.93 12.96 25.83
C GLU A 104 -4.42 11.77 26.66
N LYS A 105 -4.48 10.60 26.03
CA LYS A 105 -5.02 9.39 26.67
C LYS A 105 -4.05 8.76 27.67
N SER A 106 -2.78 8.70 27.29
CA SER A 106 -1.73 8.16 28.16
C SER A 106 -0.99 9.28 28.86
N VAL A 108 1.80 10.75 28.06
CA VAL A 108 3.21 10.65 27.71
C VAL A 108 3.82 12.04 27.60
N LYS A 109 4.96 12.24 28.27
CA LYS A 109 5.61 13.55 28.34
C LYS A 109 6.66 13.77 27.26
N GLU A 110 7.22 12.69 26.72
CA GLU A 110 8.24 12.78 25.68
C GLU A 110 8.23 11.59 24.72
N PHE A 111 8.58 11.85 23.47
CA PHE A 111 8.66 10.81 22.44
C PHE A 111 10.05 10.78 21.82
N LYS A 112 10.56 9.58 21.57
CA LYS A 112 11.87 9.38 20.96
C LYS A 112 11.82 8.31 19.88
N LYS A 113 12.53 8.54 18.78
CA LYS A 113 12.55 7.60 17.66
C LYS A 113 13.44 6.39 17.95
N ILE A 114 12.99 5.22 17.49
CA ILE A 114 13.76 3.99 17.62
C ILE A 114 14.16 3.45 16.24
N ASP A 115 14.01 4.30 15.22
CA ASP A 115 14.26 3.96 13.82
C ASP A 115 15.67 3.46 13.53
N ASP A 116 16.65 4.01 14.25
CA ASP A 116 18.05 3.68 14.06
C ASP A 116 18.35 2.20 14.29
N VAL A 117 17.83 1.64 15.38
CA VAL A 117 18.07 0.24 15.72
C VAL A 117 17.31 -0.72 14.78
N ILE A 118 16.09 -0.33 14.39
CA ILE A 118 15.30 -1.12 13.44
C ILE A 118 16.02 -1.17 12.08
N LYS A 119 16.51 -0.03 11.64
CA LYS A 119 17.29 0.07 10.41
C LYS A 119 18.56 -0.79 10.49
N ASP A 120 19.30 -0.63 11.59
CA ASP A 120 20.55 -1.37 11.79
C ASP A 120 20.37 -2.89 11.79
N LEU A 121 19.25 -3.35 12.34
CA LEU A 121 18.92 -4.77 12.35
C LEU A 121 18.46 -5.26 10.96
N ARG A 122 17.44 -4.62 10.41
CA ARG A 122 16.80 -5.04 9.17
C ARG A 122 17.69 -4.96 7.92
N ILE A 123 18.63 -4.03 7.92
CA ILE A 123 19.52 -3.81 6.77
C ILE A 123 20.45 -5.00 6.50
N ILE A 124 20.75 -5.77 7.55
CA ILE A 124 21.57 -6.96 7.43
C ILE A 124 20.68 -8.20 7.49
N LYS A 125 20.66 -8.95 6.39
CA LYS A 125 19.81 -10.12 6.28
C LYS A 125 20.50 -11.37 6.82
N THR A 126 19.77 -12.16 7.59
CA THR A 126 20.25 -13.47 8.03
C THR A 126 20.19 -14.45 6.87
N LYS A 127 20.90 -15.56 7.00
CA LYS A 127 20.91 -16.61 5.98
C LYS A 127 19.50 -17.10 5.65
N GLU A 128 18.66 -17.20 6.69
CA GLU A 128 17.27 -17.62 6.55
C GLU A 128 16.47 -16.64 5.70
N GLU A 129 16.73 -15.34 5.92
CA GLU A 129 16.05 -14.28 5.17
C GLU A 129 16.43 -14.30 3.69
N ILE A 130 17.71 -14.48 3.40
CA ILE A 130 18.21 -14.53 2.02
C ILE A 130 17.62 -15.71 1.24
N GLU A 131 17.45 -16.84 1.94
CA GLU A 131 16.82 -18.04 1.36
C GLU A 131 15.41 -17.73 0.83
N ILE A 132 14.62 -17.02 1.62
CA ILE A 132 13.26 -16.62 1.23
C ILE A 132 13.26 -15.60 0.09
N ILE A 133 14.22 -14.67 0.12
CA ILE A 133 14.36 -13.68 -0.95
C ILE A 133 14.77 -14.35 -2.26
N GLU A 134 15.64 -15.36 -2.15
CA GLU A 134 16.05 -16.17 -3.29
C GLU A 134 14.87 -16.83 -4.02
N LYS A 135 13.93 -17.37 -3.24
CA LYS A 135 12.75 -18.02 -3.80
C LYS A 135 11.81 -16.98 -4.41
N ALA A 136 11.67 -15.86 -3.72
CA ALA A 136 10.89 -14.72 -4.24
C ALA A 136 11.43 -14.31 -5.61
N CYS A 137 12.75 -14.23 -5.73
CA CYS A 137 13.41 -13.83 -6.97
C CYS A 137 13.24 -14.84 -8.10
N GLU A 138 13.20 -16.13 -7.74
CA GLU A 138 12.94 -17.19 -8.71
C GLU A 138 11.53 -17.05 -9.30
N ILE A 139 10.56 -16.75 -8.45
CA ILE A 139 9.17 -16.53 -8.89
C ILE A 139 9.10 -15.32 -9.83
N ALA A 140 9.73 -14.22 -9.42
CA ALA A 140 9.82 -13.01 -10.24
C ALA A 140 10.51 -13.26 -11.59
N ASP A 141 11.54 -14.11 -11.59
CA ASP A 141 12.23 -14.52 -12.81
C ASP A 141 11.27 -15.23 -13.79
N LYS A 142 10.49 -16.17 -13.26
CA LYS A 142 9.50 -16.90 -14.05
C LYS A 142 8.40 -15.97 -14.59
N ALA A 143 8.06 -14.93 -13.82
CA ALA A 143 7.03 -13.97 -14.21
C ALA A 143 7.48 -13.05 -15.34
N VAL A 144 8.74 -12.60 -15.31
CA VAL A 144 9.27 -11.72 -16.34
C VAL A 144 9.42 -12.46 -17.68
N MET A 145 9.81 -13.72 -17.61
CA MET A 145 9.91 -14.58 -18.80
C MET A 145 8.53 -14.78 -19.43
N ALA A 146 7.53 -15.02 -18.58
CA ALA A 146 6.14 -15.15 -19.03
C ALA A 146 5.63 -13.86 -19.65
N ALA A 147 5.99 -12.73 -19.04
CA ALA A 147 5.60 -11.41 -19.53
C ALA A 147 6.13 -11.15 -20.95
N ILE A 148 7.41 -11.43 -21.15
CA ILE A 148 8.06 -11.25 -22.45
C ILE A 148 7.38 -12.09 -23.54
N GLU A 149 7.06 -13.34 -23.20
CA GLU A 149 6.37 -14.24 -24.11
C GLU A 149 4.91 -13.82 -24.35
N GLU A 150 4.32 -13.16 -23.35
CA GLU A 150 2.93 -12.71 -23.44
C GLU A 150 2.78 -11.45 -24.30
N ILE A 151 3.80 -10.60 -24.29
CA ILE A 151 3.73 -9.31 -24.98
C ILE A 151 3.75 -9.48 -26.51
N THR A 152 2.63 -9.08 -27.12
CA THR A 152 2.49 -9.07 -28.57
C THR A 152 1.79 -7.78 -28.99
N GLU A 153 1.81 -7.47 -30.28
CA GLU A 153 1.17 -6.29 -30.81
C GLU A 153 -0.34 -6.32 -30.54
N GLY A 154 -0.87 -5.20 -30.07
CA GLY A 154 -2.28 -5.06 -29.81
C GLY A 154 -2.74 -5.47 -28.42
N LYS A 155 -1.86 -6.13 -27.65
CA LYS A 155 -2.23 -6.56 -26.30
C LYS A 155 -2.25 -5.40 -25.31
N ARG A 156 -3.29 -5.37 -24.48
CA ARG A 156 -3.41 -4.38 -23.42
C ARG A 156 -2.37 -4.64 -22.33
N GLU A 157 -1.69 -3.58 -21.89
CA GLU A 157 -0.66 -3.68 -20.86
C GLU A 157 -1.18 -4.39 -19.61
N ARG A 158 -2.39 -4.00 -19.19
CA ARG A 158 -3.02 -4.52 -17.97
C ARG A 158 -3.24 -6.03 -18.04
N GLU A 159 -3.59 -6.52 -19.22
CA GLU A 159 -3.81 -7.95 -19.45
C GLU A 159 -2.54 -8.76 -19.25
N VAL A 160 -1.41 -8.19 -19.69
CA VAL A 160 -0.09 -8.79 -19.48
C VAL A 160 0.20 -8.87 -17.98
N ALA A 161 -0.06 -7.78 -17.26
CA ALA A 161 0.13 -7.72 -15.82
C ALA A 161 -0.77 -8.72 -15.10
N ALA A 162 -2.02 -8.83 -15.54
CA ALA A 162 -2.98 -9.78 -14.97
C ALA A 162 -2.48 -11.22 -15.01
N LYS A 163 -1.98 -11.63 -16.17
CA LYS A 163 -1.48 -13.00 -16.37
C LYS A 163 -0.27 -13.32 -15.48
N VAL A 164 0.72 -12.43 -15.47
CA VAL A 164 1.95 -12.67 -14.71
C VAL A 164 1.74 -12.61 -13.19
N GLU A 165 0.79 -11.79 -12.75
CA GLU A 165 0.44 -11.72 -11.33
C GLU A 165 -0.29 -13.00 -10.89
N TYR A 166 -1.12 -13.54 -11.78
CA TYR A 166 -1.78 -14.82 -11.54
C TYR A 166 -0.76 -15.96 -11.43
N LEU A 167 0.21 -15.97 -12.35
CA LEU A 167 1.25 -16.99 -12.35
C LEU A 167 2.12 -16.94 -11.09
N MET A 168 2.38 -15.73 -10.59
CA MET A 168 3.16 -15.55 -9.37
C MET A 168 2.48 -16.19 -8.16
N LYS A 169 1.19 -15.91 -7.99
CA LYS A 169 0.38 -16.48 -6.92
C LYS A 169 0.30 -18.01 -7.00
N MET A 170 0.17 -18.54 -8.22
CA MET A 170 0.17 -19.97 -8.45
C MET A 170 1.54 -20.60 -8.14
N ASN A 171 2.59 -19.79 -8.23
CA ASN A 171 3.94 -20.23 -7.89
C ASN A 171 4.30 -20.07 -6.42
N GLY A 172 3.35 -19.60 -5.61
CA GLY A 172 3.52 -19.56 -4.17
C GLY A 172 3.55 -18.18 -3.52
N ALA A 173 3.61 -17.13 -4.33
CA ALA A 173 3.60 -15.76 -3.80
C ALA A 173 2.26 -15.42 -3.18
N GLU A 174 2.29 -14.64 -2.08
CA GLU A 174 1.09 -14.11 -1.45
C GLU A 174 0.37 -13.18 -2.41
N LYS A 175 1.16 -12.34 -3.07
CA LYS A 175 0.69 -11.29 -3.98
C LYS A 175 1.91 -10.69 -4.68
N PRO A 176 1.70 -9.82 -5.67
CA PRO A 176 2.80 -9.02 -6.23
C PRO A 176 3.43 -8.13 -5.15
N ALA A 177 4.71 -7.83 -5.29
CA ALA A 177 5.41 -6.97 -4.33
C ALA A 177 4.99 -5.51 -4.47
N PHE A 178 4.47 -5.17 -5.66
CA PHE A 178 4.02 -3.83 -5.99
C PHE A 178 3.24 -3.89 -7.29
N ASP A 179 2.53 -2.82 -7.63
CA ASP A 179 1.72 -2.78 -8.85
C ASP A 179 2.61 -2.93 -10.08
N THR A 180 2.38 -4.02 -10.82
CA THR A 180 3.23 -4.41 -11.95
C THR A 180 3.29 -3.32 -13.01
N ILE A 181 4.53 -2.99 -13.42
CA ILE A 181 4.74 -2.01 -14.47
C ILE A 181 4.93 -2.73 -15.80
N ILE A 182 3.99 -2.49 -16.71
CA ILE A 182 4.15 -2.84 -18.11
C ILE A 182 3.95 -1.52 -18.85
N ALA A 183 5.05 -0.89 -19.22
CA ALA A 183 5.02 0.45 -19.80
C ALA A 183 5.55 0.45 -21.21
N SER A 184 4.67 0.68 -22.18
CA SER A 184 5.00 0.56 -23.61
C SER A 184 4.94 1.89 -24.36
N GLY A 185 5.84 2.04 -25.33
CA GLY A 185 5.92 3.23 -26.15
C GLY A 185 6.28 4.46 -25.35
N HIS A 186 5.44 5.50 -25.45
CA HIS A 186 5.62 6.73 -24.69
C HIS A 186 5.58 6.49 -23.17
N ARG A 187 4.87 5.43 -22.76
CA ARG A 187 4.74 5.08 -21.34
C ARG A 187 6.05 4.56 -20.74
N SER A 188 6.92 3.98 -21.57
CA SER A 188 8.22 3.49 -21.10
C SER A 188 9.15 4.62 -20.65
N ALA A 189 8.81 5.85 -21.01
CA ALA A 189 9.53 7.04 -20.53
C ALA A 189 9.15 7.41 -19.09
N LEU A 190 8.11 6.76 -18.57
CA LEU A 190 7.69 6.95 -17.18
C LEU A 190 8.20 5.79 -16.33
N PRO A 191 9.13 6.07 -15.42
CA PRO A 191 9.70 5.03 -14.53
C PRO A 191 8.65 4.22 -13.77
N HIS A 192 7.59 4.87 -13.29
CA HIS A 192 6.52 4.17 -12.57
C HIS A 192 5.26 4.03 -13.42
N GLY A 193 5.44 3.64 -14.69
CA GLY A 193 4.34 3.47 -15.62
C GLY A 193 3.57 2.17 -15.42
N VAL A 194 2.83 2.09 -14.31
CA VAL A 194 2.00 0.93 -13.98
C VAL A 194 1.14 0.54 -15.19
N ALA A 195 1.08 -0.77 -15.47
CA ALA A 195 0.33 -1.29 -16.61
C ALA A 195 -1.04 -0.64 -16.72
N SER A 196 -1.35 -0.11 -17.91
CA SER A 196 -2.59 0.62 -18.14
C SER A 196 -3.45 -0.05 -19.21
N ASP A 197 -4.53 0.62 -19.61
CA ASP A 197 -5.42 0.14 -20.66
C ASP A 197 -4.78 0.27 -22.05
N LYS A 198 -3.65 0.96 -22.11
CA LYS A 198 -2.93 1.18 -23.36
C LYS A 198 -2.57 -0.13 -24.05
N ARG A 199 -2.83 -0.20 -25.35
CA ARG A 199 -2.46 -1.36 -26.15
C ARG A 199 -1.04 -1.19 -26.66
N ILE A 200 -0.26 -2.27 -26.56
CA ILE A 200 1.13 -2.28 -27.02
C ILE A 200 1.17 -2.25 -28.56
N GLU A 201 2.02 -1.38 -29.09
CA GLU A 201 2.17 -1.20 -30.54
C GLU A 201 3.49 -1.78 -31.01
N ARG A 202 3.61 -2.03 -32.32
CA ARG A 202 4.86 -2.48 -32.92
C ARG A 202 5.88 -1.33 -32.88
N GLY A 203 7.12 -1.67 -32.54
CA GLY A 203 8.18 -0.69 -32.40
C GLY A 203 8.26 -0.07 -31.01
N ASP A 204 7.33 -0.47 -30.14
CA ASP A 204 7.29 0.01 -28.76
C ASP A 204 8.45 -0.54 -27.94
N LEU A 205 9.07 0.33 -27.16
CA LEU A 205 9.89 -0.08 -26.04
C LEU A 205 8.92 -0.51 -24.96
N VAL A 206 9.18 -1.64 -24.31
CA VAL A 206 8.32 -2.12 -23.22
C VAL A 206 9.12 -2.41 -21.96
N VAL A 207 8.87 -1.61 -20.92
CA VAL A 207 9.54 -1.81 -19.63
C VAL A 207 8.67 -2.71 -18.76
N ILE A 208 9.26 -3.81 -18.31
CA ILE A 208 8.58 -4.78 -17.46
C ILE A 208 9.22 -4.78 -16.08
N ASP A 209 8.51 -4.21 -15.12
CA ASP A 209 9.02 -4.06 -13.75
C ASP A 209 8.05 -4.76 -12.81
N LEU A 210 8.50 -5.85 -12.19
CA LEU A 210 7.64 -6.64 -11.31
C LEU A 210 8.41 -7.23 -10.14
N GLY A 211 7.66 -7.68 -9.14
CA GLY A 211 8.23 -8.39 -8.00
C GLY A 211 7.20 -9.27 -7.32
N ALA A 212 7.70 -10.27 -6.57
CA ALA A 212 6.83 -11.15 -5.79
C ALA A 212 7.02 -10.94 -4.30
N LEU A 213 5.92 -11.01 -3.56
CA LEU A 213 5.97 -11.12 -2.11
C LEU A 213 5.76 -12.59 -1.75
N TYR A 214 6.82 -13.22 -1.26
CA TYR A 214 6.78 -14.63 -0.90
C TYR A 214 7.23 -14.83 0.53
N ASN A 215 6.36 -15.43 1.34
CA ASN A 215 6.59 -15.65 2.78
C ASN A 215 7.20 -14.42 3.48
N HIS A 216 6.55 -13.27 3.30
CA HIS A 216 6.89 -12.00 3.96
C HIS A 216 8.05 -11.22 3.30
N TYR A 217 8.78 -11.86 2.39
CA TYR A 217 9.94 -11.21 1.77
C TYR A 217 9.74 -10.87 0.29
N ASN A 218 10.40 -9.79 -0.14
CA ASN A 218 10.16 -9.21 -1.46
C ASN A 218 11.26 -9.47 -2.47
N SER A 219 10.89 -9.39 -3.75
CA SER A 219 11.82 -9.45 -4.88
C SER A 219 11.53 -8.29 -5.83
N ASP A 220 12.48 -8.02 -6.71
CA ASP A 220 12.37 -6.87 -7.61
C ASP A 220 13.22 -7.10 -8.87
N ILE A 221 12.58 -7.01 -10.03
CA ILE A 221 13.26 -7.21 -11.32
C ILE A 221 12.68 -6.32 -12.43
N THR A 222 13.56 -5.78 -13.27
CA THR A 222 13.13 -5.05 -14.46
C THR A 222 13.88 -5.53 -15.69
N ARG A 223 13.13 -5.79 -16.75
CA ARG A 223 13.69 -6.07 -18.07
C ARG A 223 12.97 -5.23 -19.10
N THR A 224 13.71 -4.81 -20.13
CA THR A 224 13.14 -4.04 -21.23
C THR A 224 13.25 -4.80 -22.54
N ILE A 225 12.17 -4.81 -23.31
CA ILE A 225 12.16 -5.43 -24.64
C ILE A 225 11.65 -4.44 -25.70
N VAL A 226 11.87 -4.78 -26.96
CA VAL A 226 11.29 -4.06 -28.09
C VAL A 226 10.33 -5.00 -28.82
N VAL A 227 9.14 -4.50 -29.13
CA VAL A 227 8.18 -5.24 -29.95
C VAL A 227 8.59 -5.09 -31.41
N GLY A 228 9.11 -6.17 -31.98
CA GLY A 228 9.72 -6.14 -33.30
C GLY A 228 11.19 -5.81 -33.20
N SER A 229 11.76 -5.32 -34.30
CA SER A 229 13.19 -4.97 -34.34
C SER A 229 13.43 -3.57 -33.79
N PRO A 230 14.48 -3.41 -32.99
CA PRO A 230 14.82 -2.10 -32.43
C PRO A 230 15.45 -1.16 -33.47
N ASN A 231 15.07 0.11 -33.44
CA ASN A 231 15.72 1.11 -34.28
C ASN A 231 17.06 1.55 -33.69
N GLU A 232 17.75 2.45 -34.39
CA GLU A 232 19.09 2.89 -34.00
C GLU A 232 19.17 3.43 -32.57
N LYS A 233 18.28 4.36 -32.23
CA LYS A 233 18.31 5.00 -30.92
C LYS A 233 17.90 4.07 -29.78
N GLN A 234 16.93 3.20 -30.05
CA GLN A 234 16.48 2.21 -29.07
C GLN A 234 17.63 1.29 -28.64
N ARG A 235 18.38 0.79 -29.62
CA ARG A 235 19.55 -0.03 -29.38
C ARG A 235 20.66 0.76 -28.68
N GLU A 236 20.83 2.02 -29.09
CA GLU A 236 21.84 2.91 -28.50
C GLU A 236 21.65 3.09 -27.00
N ILE A 237 20.45 3.53 -26.60
CA ILE A 237 20.10 3.74 -25.21
C ILE A 237 20.17 2.45 -24.39
N TYR A 238 19.64 1.36 -24.96
CA TYR A 238 19.64 0.06 -24.28
C TYR A 238 21.05 -0.39 -23.89
N GLU A 239 21.99 -0.30 -24.84
CA GLU A 239 23.36 -0.74 -24.61
C GLU A 239 24.07 0.06 -23.52
N ILE A 240 23.75 1.35 -23.43
CA ILE A 240 24.31 2.22 -22.40
C ILE A 240 23.80 1.83 -21.00
N VAL A 241 22.50 1.60 -20.88
CA VAL A 241 21.89 1.14 -19.63
C VAL A 241 22.45 -0.22 -19.23
N LEU A 242 22.59 -1.12 -20.21
CA LEU A 242 23.16 -2.45 -19.99
C LEU A 242 24.58 -2.36 -19.43
N GLU A 243 25.40 -1.51 -20.05
CA GLU A 243 26.79 -1.29 -19.61
C GLU A 243 26.84 -0.73 -18.19
N ALA A 244 25.99 0.27 -17.93
CA ALA A 244 25.89 0.90 -16.62
C ALA A 244 25.49 -0.11 -15.54
N GLN A 245 24.51 -0.94 -15.86
CA GLN A 245 24.00 -1.96 -14.95
C GLN A 245 25.03 -3.04 -14.64
N LYS A 246 25.69 -3.55 -15.70
CA LYS A 246 26.71 -4.59 -15.56
C LYS A 246 27.91 -4.13 -14.73
N ARG A 247 28.38 -2.92 -15.01
CA ARG A 247 29.56 -2.36 -14.34
C ARG A 247 29.29 -2.05 -12.87
N ALA A 248 28.05 -1.69 -12.54
CA ALA A 248 27.65 -1.44 -11.16
C ALA A 248 27.60 -2.75 -10.36
N VAL A 249 26.96 -3.76 -10.95
CA VAL A 249 26.83 -5.09 -10.34
C VAL A 249 28.19 -5.70 -10.03
N GLU A 250 29.13 -5.55 -10.96
CA GLU A 250 30.50 -6.05 -10.80
C GLU A 250 31.29 -5.29 -9.74
N ALA A 251 30.97 -4.01 -9.57
CA ALA A 251 31.70 -3.14 -8.64
C ALA A 251 31.18 -3.19 -7.21
N ALA A 252 29.91 -3.56 -7.04
CA ALA A 252 29.28 -3.63 -5.72
C ALA A 252 30.01 -4.59 -4.77
N LYS A 253 30.43 -4.07 -3.62
CA LYS A 253 31.19 -4.82 -2.63
C LYS A 253 31.12 -4.14 -1.26
N PRO A 254 31.41 -4.88 -0.18
CA PRO A 254 31.51 -4.27 1.16
C PRO A 254 32.63 -3.24 1.24
N GLY A 255 32.40 -2.18 2.03
CA GLY A 255 33.37 -1.09 2.16
C GLY A 255 32.99 0.09 1.29
N MET A 256 32.42 -0.19 0.12
CA MET A 256 31.93 0.82 -0.81
C MET A 256 30.66 1.44 -0.25
N THR A 257 30.50 2.75 -0.44
CA THR A 257 29.27 3.44 -0.04
C THR A 257 28.20 3.31 -1.12
N ALA A 258 26.96 3.61 -0.74
CA ALA A 258 25.85 3.64 -1.69
C ALA A 258 26.08 4.71 -2.77
N LYS A 259 26.63 5.85 -2.35
CA LYS A 259 26.94 6.96 -3.26
C LYS A 259 27.97 6.56 -4.32
N GLU A 260 29.03 5.87 -3.90
CA GLU A 260 30.06 5.38 -4.82
C GLU A 260 29.51 4.38 -5.83
N LEU A 261 28.59 3.53 -5.38
CA LEU A 261 27.94 2.55 -6.26
C LEU A 261 27.05 3.24 -7.30
N ASP A 262 26.23 4.19 -6.85
CA ASP A 262 25.40 4.99 -7.74
C ASP A 262 26.26 5.69 -8.80
N SER A 263 27.40 6.22 -8.36
CA SER A 263 28.34 6.93 -9.22
C SER A 263 28.89 6.08 -10.36
N ILE A 264 29.13 4.79 -10.09
CA ILE A 264 29.63 3.87 -11.12
C ILE A 264 28.72 3.90 -12.35
N ALA A 265 27.43 3.71 -12.13
CA ALA A 265 26.46 3.71 -13.22
C ALA A 265 26.19 5.10 -13.76
N ARG A 266 26.13 6.09 -12.86
CA ARG A 266 25.81 7.46 -13.24
C ARG A 266 26.87 8.08 -14.15
N GLU A 267 28.13 7.80 -13.86
CA GLU A 267 29.25 8.32 -14.67
C GLU A 267 29.28 7.76 -16.09
N ILE A 268 28.82 6.53 -16.25
CA ILE A 268 28.75 5.88 -17.55
C ILE A 268 27.65 6.52 -18.42
N ILE A 269 26.46 6.72 -17.83
CA ILE A 269 25.35 7.32 -18.56
C ILE A 269 25.63 8.78 -18.91
N LYS A 270 26.27 9.50 -17.98
CA LYS A 270 26.69 10.89 -18.22
C LYS A 270 27.73 10.99 -19.34
N GLU A 271 28.63 10.02 -19.38
CA GLU A 271 29.68 9.93 -20.40
C GLU A 271 29.11 9.89 -21.82
N TYR A 272 27.99 9.19 -21.98
CA TYR A 272 27.35 9.02 -23.28
C TYR A 272 26.38 10.16 -23.63
N GLY A 273 26.18 11.07 -22.69
CA GLY A 273 25.38 12.26 -22.92
C GLY A 273 23.92 12.16 -22.53
N TYR A 274 23.58 11.18 -21.70
CA TYR A 274 22.20 10.96 -21.25
C TYR A 274 22.01 11.22 -19.76
N GLY A 275 22.95 11.98 -19.17
CA GLY A 275 22.94 12.28 -17.75
C GLY A 275 21.68 12.91 -17.21
N ASP A 276 21.06 13.78 -18.03
CA ASP A 276 19.84 14.48 -17.65
C ASP A 276 18.60 13.59 -17.68
N TYR A 277 18.75 12.39 -18.25
CA TYR A 277 17.63 11.48 -18.47
C TYR A 277 17.65 10.26 -17.52
N PHE A 278 18.70 10.18 -16.69
CA PHE A 278 18.79 9.19 -15.62
C PHE A 278 18.18 9.83 -14.37
N ILE A 279 16.85 9.83 -14.33
CA ILE A 279 16.07 10.69 -13.44
C ILE A 279 15.69 10.09 -12.08
N HIS A 280 16.38 9.02 -11.68
CA HIS A 280 16.18 8.42 -10.36
C HIS A 280 17.47 7.81 -9.82
N SER A 281 17.42 7.38 -8.55
CA SER A 281 18.52 6.71 -7.88
C SER A 281 18.85 5.38 -8.57
N LEU A 282 20.05 4.87 -8.32
CA LEU A 282 20.51 3.59 -8.87
C LEU A 282 19.71 2.39 -8.33
N GLY A 283 19.27 2.48 -7.08
CA GLY A 283 18.54 1.38 -6.47
C GLY A 283 18.13 1.60 -5.04
N HIS A 284 17.70 0.51 -4.39
CA HIS A 284 17.15 0.56 -3.04
C HIS A 284 17.32 -0.79 -2.36
N GLY A 285 17.20 -0.80 -1.03
CA GLY A 285 17.21 -2.02 -0.26
C GLY A 285 15.91 -2.79 -0.46
N VAL A 286 15.98 -4.10 -0.26
CA VAL A 286 14.81 -4.97 -0.34
C VAL A 286 14.82 -5.95 0.83
N GLY A 287 13.66 -6.17 1.44
CA GLY A 287 13.50 -7.13 2.52
C GLY A 287 12.05 -7.38 2.81
N LEU A 288 11.64 -7.07 4.04
CA LEU A 288 10.24 -7.18 4.45
C LEU A 288 9.37 -6.17 3.69
N GLU A 289 10.04 -5.13 3.17
CA GLU A 289 9.39 -4.12 2.34
C GLU A 289 10.09 -4.04 0.99
N ILE A 290 9.35 -3.66 -0.05
CA ILE A 290 9.92 -3.56 -1.39
C ILE A 290 10.97 -2.44 -1.49
N HIS A 291 10.72 -1.34 -0.78
CA HIS A 291 11.68 -0.24 -0.71
C HIS A 291 12.22 -0.12 0.72
N GLU A 292 13.52 -0.37 0.87
CA GLU A 292 14.15 -0.45 2.17
C GLU A 292 15.54 0.19 2.16
N TRP A 293 16.17 0.26 3.32
CA TRP A 293 17.55 0.75 3.43
C TRP A 293 18.51 -0.27 2.82
N PRO A 294 19.61 0.19 2.21
CA PRO A 294 19.86 1.62 1.98
C PRO A 294 19.33 2.08 0.62
N ARG A 295 19.31 3.38 0.41
CA ARG A 295 19.05 3.93 -0.92
C ARG A 295 20.37 3.98 -1.67
N ILE A 296 20.41 3.44 -2.88
CA ILE A 296 21.60 3.53 -3.70
C ILE A 296 21.50 4.79 -4.56
N SER A 297 22.02 5.89 -4.01
CA SER A 297 21.83 7.21 -4.58
C SER A 297 22.99 8.13 -4.23
N GLN A 298 23.07 9.28 -4.90
CA GLN A 298 24.12 10.27 -4.65
C GLN A 298 24.02 10.92 -3.27
N TYR A 299 22.89 10.74 -2.61
CA TYR A 299 22.62 11.39 -1.33
C TYR A 299 22.74 10.46 -0.11
N ASP A 300 23.00 9.19 -0.38
CA ASP A 300 23.11 8.17 0.67
C ASP A 300 24.54 7.64 0.73
N GLU A 301 25.15 7.72 1.91
CA GLU A 301 26.55 7.33 2.08
C GLU A 301 26.77 6.16 3.04
N THR A 302 25.73 5.36 3.28
CA THR A 302 25.87 4.17 4.11
C THR A 302 26.89 3.21 3.50
N VAL A 303 27.71 2.61 4.35
CA VAL A 303 28.72 1.65 3.91
C VAL A 303 28.04 0.31 3.64
N LEU A 304 28.19 -0.19 2.42
CA LEU A 304 27.66 -1.51 2.07
C LEU A 304 28.39 -2.58 2.87
N LYS A 305 27.61 -3.52 3.43
CA LYS A 305 28.16 -4.59 4.23
C LYS A 305 27.56 -5.93 3.81
N GLU A 306 28.26 -7.01 4.16
CA GLU A 306 27.79 -8.37 3.91
C GLU A 306 26.38 -8.58 4.46
N GLY A 307 25.52 -9.18 3.65
CA GLY A 307 24.16 -9.48 4.06
C GLY A 307 23.13 -8.44 3.66
N MET A 308 23.59 -7.34 3.06
CA MET A 308 22.67 -6.33 2.53
C MET A 308 22.10 -6.80 1.19
N VAL A 309 20.81 -6.55 0.99
CA VAL A 309 20.12 -6.94 -0.24
C VAL A 309 19.59 -5.67 -0.91
N ILE A 310 20.11 -5.37 -2.09
CA ILE A 310 19.80 -4.13 -2.80
C ILE A 310 19.42 -4.39 -4.25
N THR A 311 18.85 -3.38 -4.91
CA THR A 311 18.66 -3.43 -6.35
C THR A 311 19.66 -2.52 -7.06
N ILE A 312 19.96 -2.87 -8.31
CA ILE A 312 20.79 -2.05 -9.18
C ILE A 312 20.01 -1.87 -10.47
N GLU A 313 19.50 -0.67 -10.67
CA GLU A 313 18.54 -0.43 -11.75
C GLU A 313 18.68 0.95 -12.42
N PRO A 314 19.72 1.13 -13.24
CA PRO A 314 19.88 2.38 -13.98
C PRO A 314 18.84 2.47 -15.10
N GLY A 315 18.56 3.68 -15.56
CA GLY A 315 17.59 3.90 -16.61
C GLY A 315 17.85 5.18 -17.39
N ILE A 316 17.39 5.20 -18.64
CA ILE A 316 17.39 6.41 -19.45
C ILE A 316 15.96 6.64 -19.94
N TYR A 317 15.42 7.82 -19.68
CA TYR A 317 14.03 8.13 -20.00
C TYR A 317 13.92 9.40 -20.82
N ILE A 318 13.49 9.25 -22.07
CA ILE A 318 13.30 10.39 -22.96
C ILE A 318 11.80 10.56 -23.23
N PRO A 319 11.23 11.64 -22.72
CA PRO A 319 9.77 11.87 -22.77
C PRO A 319 9.20 11.85 -24.19
N LYS A 320 7.98 11.33 -24.31
CA LYS A 320 7.27 11.18 -25.59
C LYS A 320 7.92 10.16 -26.55
N LEU A 321 9.11 9.69 -26.20
CA LEU A 321 9.85 8.72 -27.01
C LEU A 321 9.86 7.34 -26.36
N GLY A 322 10.36 7.28 -25.12
CA GLY A 322 10.42 6.03 -24.40
C GLY A 322 11.59 5.92 -23.45
N GLY A 323 11.73 4.74 -22.83
CA GLY A 323 12.80 4.52 -21.87
C GLY A 323 13.26 3.08 -21.76
N VAL A 324 14.43 2.91 -21.15
CA VAL A 324 14.99 1.59 -20.86
C VAL A 324 15.41 1.54 -19.39
N ARG A 325 15.02 0.46 -18.72
CA ARG A 325 15.50 0.17 -17.38
C ARG A 325 15.83 -1.31 -17.28
N ILE A 326 16.95 -1.62 -16.64
CA ILE A 326 17.32 -3.01 -16.35
C ILE A 326 17.66 -3.10 -14.87
N GLU A 327 16.97 -4.00 -14.16
CA GLU A 327 17.10 -4.11 -12.71
C GLU A 327 17.33 -5.54 -12.23
N ASP A 328 18.27 -5.68 -11.30
CA ASP A 328 18.50 -6.95 -10.61
C ASP A 328 18.34 -6.78 -9.10
N THR A 329 17.92 -7.85 -8.43
CA THR A 329 18.04 -7.91 -6.98
C THR A 329 19.39 -8.56 -6.66
N VAL A 330 20.18 -7.88 -5.83
CA VAL A 330 21.57 -8.27 -5.59
C VAL A 330 21.90 -8.35 -4.10
N LEU A 331 22.55 -9.44 -3.71
CA LEU A 331 23.03 -9.61 -2.34
C LEU A 331 24.51 -9.22 -2.23
N ILE A 332 24.84 -8.42 -1.23
CA ILE A 332 26.23 -8.08 -0.93
C ILE A 332 26.86 -9.24 -0.15
N THR A 333 27.88 -9.86 -0.75
CA THR A 333 28.56 -11.01 -0.16
C THR A 333 29.86 -10.60 0.54
N GLU A 334 30.77 -11.56 0.76
CA GLU A 334 32.03 -11.31 1.45
C GLU A 334 33.00 -10.41 0.67
N ASN A 335 33.16 -10.68 -0.62
CA ASN A 335 34.14 -9.97 -1.44
C ASN A 335 33.56 -9.24 -2.65
N GLY A 336 32.23 -9.21 -2.75
CA GLY A 336 31.56 -8.54 -3.85
C GLY A 336 30.05 -8.56 -3.77
N ALA A 337 29.41 -8.97 -4.86
CA ALA A 337 27.95 -9.01 -4.95
C ALA A 337 27.46 -10.22 -5.74
N LYS A 338 26.25 -10.67 -5.42
CA LYS A 338 25.65 -11.82 -6.08
C LYS A 338 24.24 -11.50 -6.59
N ARG A 339 24.04 -11.65 -7.90
CA ARG A 339 22.74 -11.46 -8.53
C ARG A 339 21.77 -12.53 -8.06
N LEU A 340 20.63 -12.10 -7.51
CA LEU A 340 19.61 -13.04 -7.04
C LEU A 340 18.53 -13.28 -8.10
N THR A 341 18.29 -12.27 -8.94
CA THR A 341 17.51 -12.44 -10.15
C THR A 341 18.45 -12.87 -11.27
N LYS A 342 18.06 -13.87 -12.04
CA LYS A 342 18.99 -14.56 -12.93
C LYS A 342 18.70 -14.50 -14.44
N THR A 343 17.55 -13.94 -14.83
CA THR A 343 17.17 -13.93 -16.25
C THR A 343 18.08 -13.03 -17.09
N GLU A 344 18.23 -13.41 -18.36
CA GLU A 344 19.14 -12.72 -19.29
C GLU A 344 18.84 -11.23 -19.43
N ARG A 345 19.89 -10.44 -19.57
CA ARG A 345 19.79 -9.00 -19.71
C ARG A 345 20.13 -8.57 -21.14
N ARG B 4 -12.42 19.37 -3.46
CA ARG B 4 -12.73 20.83 -3.48
C ARG B 4 -11.74 21.63 -2.62
N LEU B 5 -10.90 22.41 -3.30
CA LEU B 5 -9.88 23.23 -2.65
C LEU B 5 -10.48 24.47 -2.01
N GLU B 6 -11.61 24.91 -2.55
CA GLU B 6 -12.34 26.07 -2.04
C GLU B 6 -12.80 25.86 -0.60
N LYS B 7 -13.30 24.65 -0.30
CA LYS B 7 -13.75 24.30 1.04
C LYS B 7 -12.58 24.11 2.00
N LEU B 8 -11.45 23.65 1.46
CA LEU B 8 -10.21 23.50 2.22
C LEU B 8 -9.66 24.85 2.66
N VAL B 9 -9.63 25.81 1.73
CA VAL B 9 -9.17 27.18 2.01
C VAL B 9 -10.10 27.89 3.00
N LYS B 10 -11.40 27.63 2.87
CA LYS B 10 -12.40 28.16 3.79
C LYS B 10 -12.24 27.60 5.20
N PHE B 11 -11.86 26.33 5.29
CA PHE B 11 -11.53 25.69 6.56
C PHE B 11 -10.25 26.27 7.16
N MET B 12 -9.27 26.51 6.30
CA MET B 12 -7.99 27.12 6.68
C MET B 12 -8.17 28.52 7.24
N ASP B 13 -9.14 29.24 6.68
CA ASP B 13 -9.40 30.64 7.05
C ASP B 13 -10.02 30.80 8.43
N GLU B 14 -10.97 29.91 8.77
CA GLU B 14 -11.66 29.99 10.05
C GLU B 14 -11.01 29.17 11.17
N ASN B 15 -9.89 28.52 10.85
CA ASN B 15 -9.09 27.81 11.85
C ASN B 15 -7.68 28.40 11.99
N SER B 16 -7.45 29.52 11.33
CA SER B 16 -6.19 30.27 11.37
C SER B 16 -4.96 29.46 10.96
N ILE B 17 -5.08 28.78 9.81
CA ILE B 17 -3.99 27.98 9.26
C ILE B 17 -3.38 28.70 8.06
N ASP B 18 -2.07 28.90 8.11
CA ASP B 18 -1.35 29.64 7.05
C ASP B 18 -1.13 28.78 5.81
N ARG B 19 -0.52 27.61 6.01
CA ARG B 19 -0.24 26.70 4.91
C ARG B 19 -0.68 25.27 5.25
N VAL B 20 -0.96 24.48 4.23
CA VAL B 20 -1.38 23.09 4.41
C VAL B 20 -0.47 22.16 3.61
N PHE B 21 -0.11 21.03 4.23
CA PHE B 21 0.67 19.98 3.59
C PHE B 21 -0.15 18.69 3.51
N ILE B 22 -0.31 18.15 2.30
CA ILE B 22 -1.05 16.92 2.08
C ILE B 22 -0.11 15.88 1.45
N ALA B 23 0.00 14.71 2.10
CA ALA B 23 0.94 13.68 1.66
C ALA B 23 0.33 12.30 1.41
N LYS B 24 -0.83 12.02 2.01
CA LYS B 24 -1.50 10.73 1.83
C LYS B 24 -1.96 10.61 0.38
N PRO B 25 -1.48 9.58 -0.32
CA PRO B 25 -1.75 9.40 -1.76
C PRO B 25 -3.21 9.60 -2.16
N VAL B 26 -4.14 9.06 -1.37
CA VAL B 26 -5.56 9.15 -1.64
C VAL B 26 -6.03 10.63 -1.62
N ASN B 27 -5.52 11.39 -0.66
CA ASN B 27 -5.88 12.81 -0.54
C ASN B 27 -5.19 13.67 -1.58
N VAL B 28 -3.97 13.29 -1.94
CA VAL B 28 -3.24 13.94 -3.03
C VAL B 28 -4.03 13.79 -4.34
N TYR B 29 -4.56 12.59 -4.58
CA TYR B 29 -5.43 12.37 -5.74
C TYR B 29 -6.71 13.21 -5.68
N TYR B 30 -7.38 13.18 -4.53
CA TYR B 30 -8.66 13.87 -4.33
C TYR B 30 -8.58 15.35 -4.68
N PHE B 31 -7.43 15.96 -4.40
CA PHE B 31 -7.25 17.40 -4.60
C PHE B 31 -6.46 17.77 -5.87
N SER B 32 -5.73 16.81 -6.45
CA SER B 32 -4.88 17.09 -7.62
C SER B 32 -5.30 16.37 -8.91
N GLY B 33 -5.98 15.24 -8.78
CA GLY B 33 -6.38 14.45 -9.93
C GLY B 33 -5.33 13.45 -10.37
N THR B 34 -4.22 13.39 -9.63
CA THR B 34 -3.16 12.42 -9.90
C THR B 34 -2.60 11.83 -8.60
N SER B 35 -2.06 10.62 -8.70
CA SER B 35 -1.45 9.96 -7.55
C SER B 35 -0.12 9.32 -7.94
N PRO B 36 0.98 10.05 -7.76
CA PRO B 36 2.32 9.56 -8.09
C PRO B 36 2.79 8.50 -7.09
N LEU B 37 3.20 7.34 -7.62
CA LEU B 37 3.64 6.20 -6.80
C LEU B 37 4.86 6.51 -5.94
N GLY B 38 5.85 7.18 -6.54
CA GLY B 38 7.12 7.48 -5.89
C GLY B 38 7.07 8.71 -4.99
N GLY B 39 5.88 9.21 -4.74
CA GLY B 39 5.70 10.38 -3.90
C GLY B 39 5.02 11.52 -4.64
N GLY B 40 4.04 12.12 -3.98
CA GLY B 40 3.37 13.31 -4.47
C GLY B 40 2.94 14.10 -3.24
N TYR B 41 3.11 15.41 -3.28
CA TYR B 41 2.87 16.25 -2.11
C TYR B 41 2.23 17.57 -2.53
N ILE B 42 1.11 17.91 -1.90
CA ILE B 42 0.45 19.20 -2.16
C ILE B 42 0.75 20.19 -1.05
N ILE B 43 1.10 21.42 -1.44
CA ILE B 43 1.12 22.54 -0.52
C ILE B 43 0.07 23.55 -0.95
N VAL B 44 -0.83 23.87 -0.02
CA VAL B 44 -1.78 24.96 -0.22
C VAL B 44 -1.18 26.18 0.49
N ASP B 45 -0.78 27.17 -0.30
CA ASP B 45 -0.27 28.43 0.23
C ASP B 45 -1.36 29.48 0.12
N GLY B 46 -2.17 29.59 1.18
CA GLY B 46 -3.26 30.54 1.24
C GLY B 46 -4.33 30.32 0.19
N ASP B 47 -4.17 31.00 -0.94
CA ASP B 47 -5.17 31.03 -2.01
C ASP B 47 -5.32 29.71 -2.76
N GLU B 48 -4.21 29.14 -3.23
CA GLU B 48 -4.27 27.95 -4.06
C GLU B 48 -3.21 26.88 -3.76
N ALA B 49 -3.24 25.81 -4.55
CA ALA B 49 -2.42 24.63 -4.30
C ALA B 49 -1.50 24.31 -5.46
N THR B 50 -0.37 23.69 -5.15
CA THR B 50 0.57 23.20 -6.14
C THR B 50 1.06 21.80 -5.76
N LEU B 51 1.32 20.98 -6.78
CA LEU B 51 1.75 19.60 -6.58
C LEU B 51 3.25 19.47 -6.73
N TYR B 52 3.90 18.92 -5.70
CA TYR B 52 5.34 18.70 -5.71
C TYR B 52 5.64 17.21 -5.87
N VAL B 53 6.47 16.89 -6.85
CA VAL B 53 6.81 15.50 -7.17
C VAL B 53 8.32 15.35 -7.38
N PRO B 54 8.87 14.16 -7.10
CA PRO B 54 10.25 13.86 -7.52
C PRO B 54 10.34 13.83 -9.05
N GLU B 55 11.54 14.06 -9.60
CA GLU B 55 11.70 14.16 -11.05
C GLU B 55 11.29 12.89 -11.81
N LEU B 56 11.34 11.74 -11.13
CA LEU B 56 10.92 10.48 -11.73
C LEU B 56 9.41 10.39 -11.92
N GLU B 57 8.66 11.27 -11.25
CA GLU B 57 7.21 11.33 -11.37
C GLU B 57 6.71 12.56 -12.12
N TYR B 58 7.63 13.43 -12.50
CA TYR B 58 7.28 14.74 -13.08
C TYR B 58 6.38 14.63 -14.31
N GLU B 59 6.85 13.91 -15.32
CA GLU B 59 6.13 13.80 -16.59
C GLU B 59 4.71 13.21 -16.45
N MET B 60 4.57 12.16 -15.64
CA MET B 60 3.26 11.54 -15.43
C MET B 60 2.30 12.46 -14.68
N ALA B 61 2.79 13.15 -13.66
CA ALA B 61 2.00 14.11 -12.89
C ALA B 61 1.59 15.32 -13.73
N LYS B 62 2.44 15.71 -14.67
CA LYS B 62 2.20 16.89 -15.52
C LYS B 62 1.00 16.72 -16.46
N GLU B 63 0.78 15.51 -16.94
CA GLU B 63 -0.31 15.23 -17.89
C GLU B 63 -1.64 14.90 -17.21
N GLU B 64 -1.60 14.75 -15.88
CA GLU B 64 -2.76 14.29 -15.12
C GLU B 64 -3.29 15.34 -14.14
N SER B 65 -2.38 16.10 -13.54
CA SER B 65 -2.72 17.06 -12.48
C SER B 65 -3.48 18.27 -13.03
N LYS B 66 -4.51 18.67 -12.29
CA LYS B 66 -5.23 19.92 -12.54
C LYS B 66 -4.50 21.07 -11.85
N LEU B 67 -3.58 20.71 -10.95
CA LEU B 67 -2.76 21.66 -10.20
C LEU B 67 -1.43 21.89 -10.90
N PRO B 68 -0.81 23.06 -10.70
CA PRO B 68 0.57 23.29 -11.17
C PRO B 68 1.54 22.30 -10.53
N VAL B 69 2.38 21.69 -11.36
CA VAL B 69 3.34 20.68 -10.89
C VAL B 69 4.76 21.23 -10.92
N VAL B 70 5.45 21.11 -9.79
CA VAL B 70 6.88 21.42 -9.73
C VAL B 70 7.68 20.23 -9.21
N LYS B 71 8.78 19.91 -9.90
CA LYS B 71 9.62 18.80 -9.49
C LYS B 71 10.70 19.23 -8.52
N PHE B 72 11.09 18.31 -7.63
CA PHE B 72 12.22 18.52 -6.74
C PHE B 72 13.26 17.41 -6.94
N LYS B 73 14.53 17.77 -6.82
CA LYS B 73 15.61 16.79 -6.89
C LYS B 73 15.76 16.11 -5.54
N LYS B 74 15.66 16.91 -4.47
CA LYS B 74 15.69 16.42 -3.10
C LYS B 74 14.39 16.80 -2.41
N PHE B 75 13.90 15.92 -1.55
CA PHE B 75 12.73 16.23 -0.74
C PHE B 75 13.03 17.39 0.20
N ASP B 76 14.29 17.52 0.60
CA ASP B 76 14.76 18.61 1.47
C ASP B 76 14.37 20.01 0.99
N GLU B 77 13.95 20.13 -0.27
CA GLU B 77 13.53 21.41 -0.85
C GLU B 77 12.20 21.93 -0.30
N ILE B 78 11.32 21.01 0.09
CA ILE B 78 9.99 21.34 0.60
C ILE B 78 10.03 22.07 1.95
N TYR B 79 11.05 21.75 2.76
CA TYR B 79 11.23 22.41 4.06
C TYR B 79 11.53 23.89 3.90
N GLU B 80 12.15 24.26 2.78
CA GLU B 80 12.47 25.67 2.50
C GLU B 80 11.23 26.48 2.14
N ILE B 81 10.31 25.89 1.37
CA ILE B 81 9.09 26.60 0.98
C ILE B 81 8.11 26.77 2.15
N LEU B 82 8.13 25.83 3.09
CA LEU B 82 7.27 25.90 4.27
C LEU B 82 7.96 26.55 5.47
N LYS B 83 9.19 27.04 5.26
CA LYS B 83 9.95 27.70 6.32
C LYS B 83 9.14 28.82 6.99
N ASN B 84 9.20 28.85 8.31
CA ASN B 84 8.54 29.86 9.15
C ASN B 84 7.01 29.90 9.08
N THR B 85 6.40 28.78 8.70
CA THR B 85 4.95 28.63 8.76
C THR B 85 4.52 28.58 10.22
N GLU B 86 3.63 29.50 10.61
CA GLU B 86 3.15 29.58 11.99
C GLU B 86 2.24 28.39 12.32
N THR B 87 1.15 28.26 11.57
CA THR B 87 0.24 27.13 11.71
C THR B 87 0.21 26.31 10.42
N LEU B 88 0.67 25.07 10.49
CA LEU B 88 0.64 24.18 9.34
C LEU B 88 -0.47 23.15 9.48
N GLY B 89 -1.41 23.17 8.53
CA GLY B 89 -2.48 22.21 8.47
C GLY B 89 -1.97 20.89 7.92
N ILE B 90 -2.16 19.83 8.70
CA ILE B 90 -1.66 18.50 8.31
C ILE B 90 -2.72 17.42 8.48
N GLU B 91 -2.51 16.30 7.80
CA GLU B 91 -3.33 15.10 7.98
C GLU B 91 -2.89 14.40 9.26
N GLY B 92 -3.85 13.83 9.98
CA GLY B 92 -3.55 13.06 11.18
C GLY B 92 -2.66 11.85 10.93
N THR B 93 -2.65 11.40 9.67
CA THR B 93 -1.83 10.25 9.27
C THR B 93 -0.37 10.60 9.02
N LEU B 94 -0.07 11.90 8.92
CA LEU B 94 1.30 12.36 8.70
C LEU B 94 2.23 11.75 9.75
N SER B 95 3.36 11.21 9.28
CA SER B 95 4.30 10.52 10.17
C SER B 95 4.95 11.46 11.18
N TYR B 96 5.28 10.92 12.36
CA TYR B 96 5.98 11.66 13.41
C TYR B 96 7.30 12.22 12.91
N SER B 97 8.00 11.42 12.09
CA SER B 97 9.25 11.84 11.45
C SER B 97 9.07 13.15 10.68
N MET B 98 8.05 13.21 9.85
CA MET B 98 7.75 14.39 9.05
C MET B 98 7.37 15.60 9.89
N VAL B 99 6.55 15.37 10.91
CA VAL B 99 6.17 16.43 11.85
C VAL B 99 7.41 17.03 12.52
N GLU B 100 8.28 16.16 13.02
CA GLU B 100 9.52 16.58 13.66
C GLU B 100 10.43 17.34 12.70
N ASN B 101 10.48 16.90 11.44
CA ASN B 101 11.25 17.57 10.40
C ASN B 101 10.70 18.97 10.09
N PHE B 102 9.38 19.11 10.08
CA PHE B 102 8.74 20.41 9.91
C PHE B 102 9.05 21.36 11.07
N LYS B 103 9.13 20.81 12.27
CA LYS B 103 9.46 21.59 13.46
C LYS B 103 10.93 22.03 13.49
N GLU B 104 11.83 21.12 13.10
CA GLU B 104 13.26 21.37 13.16
C GLU B 104 13.81 22.11 11.94
N LYS B 105 13.36 21.72 10.74
CA LYS B 105 13.90 22.27 9.50
C LYS B 105 13.10 23.44 8.93
N SER B 106 11.79 23.46 9.19
CA SER B 106 10.92 24.54 8.70
C SER B 106 10.51 25.52 9.80
N ASN B 107 10.91 25.24 11.04
CA ASN B 107 10.54 26.04 12.21
C ASN B 107 9.03 26.29 12.30
N VAL B 108 8.24 25.24 12.08
CA VAL B 108 6.80 25.33 12.21
C VAL B 108 6.42 25.38 13.69
N LYS B 109 5.55 26.32 14.03
CA LYS B 109 5.25 26.64 15.43
C LYS B 109 4.10 25.83 16.02
N GLU B 110 3.10 25.53 15.20
CA GLU B 110 1.99 24.67 15.62
C GLU B 110 1.35 23.90 14.45
N PHE B 111 0.74 22.77 14.78
CA PHE B 111 0.08 21.92 13.78
C PHE B 111 -1.39 21.76 14.11
N LYS B 112 -2.23 21.80 13.07
CA LYS B 112 -3.66 21.61 13.21
C LYS B 112 -4.15 20.54 12.24
N LYS B 113 -4.97 19.61 12.74
CA LYS B 113 -5.46 18.49 11.96
C LYS B 113 -6.52 18.92 10.96
N ILE B 114 -6.28 18.64 9.69
CA ILE B 114 -7.17 19.02 8.60
C ILE B 114 -8.16 17.89 8.25
N ASP B 115 -8.20 16.87 9.11
CA ASP B 115 -9.01 15.68 8.91
C ASP B 115 -10.52 15.96 8.75
N ASP B 116 -11.04 16.88 9.55
CA ASP B 116 -12.46 17.20 9.59
C ASP B 116 -13.03 17.62 8.24
N VAL B 117 -12.30 18.48 7.53
CA VAL B 117 -12.75 18.97 6.23
C VAL B 117 -12.58 17.93 5.11
N ILE B 118 -11.54 17.10 5.21
CA ILE B 118 -11.31 16.02 4.25
C ILE B 118 -12.39 14.95 4.39
N LYS B 119 -12.74 14.63 5.63
CA LYS B 119 -13.82 13.69 5.95
C LYS B 119 -15.16 14.20 5.38
N ASP B 120 -15.47 15.47 5.65
CA ASP B 120 -16.73 16.08 5.20
C ASP B 120 -16.83 16.19 3.69
N LEU B 121 -15.68 16.37 3.02
CA LEU B 121 -15.64 16.45 1.58
C LEU B 121 -15.80 15.07 0.94
N ARG B 122 -15.04 14.10 1.43
CA ARG B 122 -15.00 12.76 0.83
C ARG B 122 -16.22 11.90 1.19
N ILE B 123 -16.89 12.21 2.30
CA ILE B 123 -18.08 11.47 2.75
C ILE B 123 -19.24 11.59 1.75
N ILE B 124 -19.31 12.70 1.02
CA ILE B 124 -20.35 12.90 0.01
C ILE B 124 -19.75 12.75 -1.38
N LYS B 125 -20.20 11.72 -2.09
CA LYS B 125 -19.69 11.41 -3.42
C LYS B 125 -20.51 12.11 -4.50
N THR B 126 -19.81 12.71 -5.47
CA THR B 126 -20.46 13.35 -6.61
C THR B 126 -20.97 12.30 -7.59
N LYS B 127 -21.78 12.74 -8.55
CA LYS B 127 -22.32 11.85 -9.57
C LYS B 127 -21.23 11.13 -10.37
N GLU B 128 -20.14 11.84 -10.62
CA GLU B 128 -18.98 11.28 -11.33
C GLU B 128 -18.30 10.19 -10.52
N GLU B 129 -18.25 10.37 -9.20
CA GLU B 129 -17.65 9.38 -8.30
C GLU B 129 -18.52 8.12 -8.20
N ILE B 130 -19.82 8.33 -8.09
CA ILE B 130 -20.79 7.24 -8.02
C ILE B 130 -20.76 6.35 -9.27
N GLU B 131 -20.61 6.97 -10.44
CA GLU B 131 -20.51 6.25 -11.71
C GLU B 131 -19.31 5.30 -11.72
N ILE B 132 -18.19 5.76 -11.19
CA ILE B 132 -16.97 4.93 -11.10
C ILE B 132 -17.15 3.79 -10.10
N ILE B 133 -17.73 4.10 -8.94
CA ILE B 133 -18.01 3.09 -7.91
C ILE B 133 -18.97 2.01 -8.43
N GLU B 134 -19.99 2.43 -9.18
CA GLU B 134 -20.93 1.50 -9.80
C GLU B 134 -20.22 0.52 -10.74
N LYS B 135 -19.24 1.00 -11.49
CA LYS B 135 -18.44 0.17 -12.39
C LYS B 135 -17.56 -0.82 -11.62
N ALA B 136 -16.97 -0.36 -10.51
CA ALA B 136 -16.19 -1.24 -9.65
C ALA B 136 -17.08 -2.31 -9.03
N CYS B 137 -18.31 -1.93 -8.70
CA CYS B 137 -19.30 -2.85 -8.15
C CYS B 137 -19.74 -3.90 -9.18
N GLU B 138 -19.79 -3.49 -10.45
CA GLU B 138 -20.10 -4.39 -11.56
C GLU B 138 -19.00 -5.44 -11.73
N ILE B 139 -17.74 -5.01 -11.64
CA ILE B 139 -16.60 -5.91 -11.70
C ILE B 139 -16.60 -6.88 -10.53
N ALA B 140 -16.88 -6.34 -9.33
CA ALA B 140 -16.99 -7.15 -8.11
C ALA B 140 -18.12 -8.17 -8.21
N ASP B 141 -19.22 -7.78 -8.85
CA ASP B 141 -20.35 -8.68 -9.09
C ASP B 141 -19.92 -9.89 -9.93
N LYS B 142 -19.21 -9.61 -11.02
CA LYS B 142 -18.71 -10.64 -11.93
C LYS B 142 -17.73 -11.59 -11.24
N ALA B 143 -16.88 -11.02 -10.38
CA ALA B 143 -15.87 -11.78 -9.67
C ALA B 143 -16.47 -12.75 -8.66
N VAL B 144 -17.51 -12.30 -7.94
CA VAL B 144 -18.19 -13.13 -6.95
C VAL B 144 -18.91 -14.31 -7.63
N MET B 145 -19.53 -14.05 -8.78
CA MET B 145 -20.21 -15.08 -9.55
C MET B 145 -19.22 -16.11 -10.09
N ALA B 146 -18.04 -15.64 -10.49
CA ALA B 146 -16.96 -16.52 -10.96
C ALA B 146 -16.41 -17.39 -9.83
N ALA B 147 -16.37 -16.83 -8.62
CA ALA B 147 -15.93 -17.56 -7.43
C ALA B 147 -16.86 -18.71 -7.09
N ILE B 148 -18.16 -18.43 -7.14
CA ILE B 148 -19.20 -19.42 -6.85
C ILE B 148 -19.13 -20.61 -7.83
N GLU B 149 -18.89 -20.30 -9.11
CA GLU B 149 -18.76 -21.32 -10.15
C GLU B 149 -17.47 -22.13 -10.04
N GLU B 150 -16.46 -21.56 -9.36
CA GLU B 150 -15.15 -22.20 -9.24
C GLU B 150 -14.96 -23.00 -7.96
N ILE B 151 -15.77 -22.74 -6.94
CA ILE B 151 -15.68 -23.47 -5.67
C ILE B 151 -16.21 -24.90 -5.81
N THR B 152 -15.29 -25.86 -5.71
CA THR B 152 -15.61 -27.28 -5.81
C THR B 152 -14.85 -28.07 -4.75
N GLU B 153 -15.02 -29.40 -4.76
CA GLU B 153 -14.33 -30.30 -3.83
C GLU B 153 -12.84 -30.38 -4.17
N GLY B 154 -12.00 -30.14 -3.18
CA GLY B 154 -10.56 -30.25 -3.32
C GLY B 154 -9.85 -28.97 -3.73
N LYS B 155 -10.62 -27.96 -4.13
CA LYS B 155 -10.07 -26.69 -4.58
C LYS B 155 -9.57 -25.82 -3.42
N ARG B 156 -8.37 -25.28 -3.55
CA ARG B 156 -7.77 -24.44 -2.52
C ARG B 156 -8.35 -23.03 -2.56
N GLU B 157 -8.54 -22.43 -1.39
CA GLU B 157 -9.10 -21.09 -1.26
C GLU B 157 -8.31 -20.05 -2.04
N ARG B 158 -6.97 -20.16 -1.96
CA ARG B 158 -6.06 -19.24 -2.63
C ARG B 158 -6.12 -19.33 -4.16
N GLU B 159 -6.32 -20.55 -4.66
CA GLU B 159 -6.41 -20.79 -6.10
C GLU B 159 -7.65 -20.12 -6.72
N VAL B 160 -8.77 -20.20 -6.01
CA VAL B 160 -10.00 -19.51 -6.39
C VAL B 160 -9.80 -17.99 -6.32
N ALA B 161 -9.16 -17.54 -5.25
CA ALA B 161 -8.86 -16.11 -5.06
C ALA B 161 -8.04 -15.55 -6.21
N ALA B 162 -7.01 -16.29 -6.63
CA ALA B 162 -6.13 -15.88 -7.71
C ALA B 162 -6.86 -15.75 -9.05
N LYS B 163 -7.68 -16.74 -9.39
CA LYS B 163 -8.46 -16.72 -10.63
C LYS B 163 -9.45 -15.56 -10.66
N VAL B 164 -10.08 -15.30 -9.52
CA VAL B 164 -11.06 -14.23 -9.38
C VAL B 164 -10.40 -12.85 -9.48
N GLU B 165 -9.23 -12.70 -8.88
CA GLU B 165 -8.46 -11.46 -8.96
C GLU B 165 -7.92 -11.23 -10.38
N TYR B 166 -7.59 -12.33 -11.05
CA TYR B 166 -7.22 -12.27 -12.47
C TYR B 166 -8.38 -11.76 -13.30
N LEU B 167 -9.58 -12.27 -13.03
CA LEU B 167 -10.80 -11.87 -13.72
C LEU B 167 -11.11 -10.39 -13.54
N MET B 168 -10.92 -9.89 -12.31
CA MET B 168 -11.16 -8.49 -11.99
C MET B 168 -10.24 -7.56 -12.78
N LYS B 169 -8.97 -7.92 -12.88
CA LYS B 169 -7.99 -7.13 -13.62
C LYS B 169 -8.26 -7.16 -15.12
N MET B 170 -8.64 -8.33 -15.63
CA MET B 170 -9.00 -8.49 -17.04
C MET B 170 -10.23 -7.67 -17.41
N ASN B 171 -11.03 -7.33 -16.40
CA ASN B 171 -12.21 -6.50 -16.59
C ASN B 171 -11.98 -5.01 -16.31
N GLY B 172 -10.71 -4.63 -16.15
CA GLY B 172 -10.33 -3.24 -16.08
C GLY B 172 -9.90 -2.69 -14.72
N ALA B 173 -10.07 -3.48 -13.66
CA ALA B 173 -9.66 -3.07 -12.32
C ALA B 173 -8.14 -2.95 -12.21
N GLU B 174 -7.69 -1.93 -11.48
CA GLU B 174 -6.27 -1.72 -11.22
C GLU B 174 -5.70 -2.85 -10.38
N LYS B 175 -6.49 -3.32 -9.43
CA LYS B 175 -6.14 -4.42 -8.54
C LYS B 175 -7.34 -4.72 -7.64
N PRO B 176 -7.26 -5.75 -6.78
CA PRO B 176 -8.31 -6.00 -5.80
C PRO B 176 -8.32 -4.89 -4.75
N ALA B 177 -9.49 -4.55 -4.23
CA ALA B 177 -9.63 -3.51 -3.22
C ALA B 177 -8.98 -3.91 -1.88
N PHE B 178 -8.89 -5.22 -1.66
CA PHE B 178 -8.26 -5.78 -0.46
C PHE B 178 -7.94 -7.25 -0.70
N ASP B 179 -7.19 -7.86 0.22
CA ASP B 179 -6.88 -9.29 0.16
C ASP B 179 -8.18 -10.09 0.18
N THR B 180 -8.46 -10.76 -0.93
CA THR B 180 -9.70 -11.52 -1.12
C THR B 180 -9.93 -12.53 0.00
N ILE B 181 -11.09 -12.42 0.64
CA ILE B 181 -11.47 -13.38 1.68
C ILE B 181 -12.27 -14.52 1.05
N ILE B 182 -11.69 -15.72 1.11
CA ILE B 182 -12.41 -16.95 0.83
C ILE B 182 -12.14 -17.90 1.98
N ALA B 183 -13.16 -18.11 2.80
CA ALA B 183 -13.01 -18.88 4.03
C ALA B 183 -14.03 -20.01 4.10
N SER B 184 -13.54 -21.24 4.12
CA SER B 184 -14.38 -22.43 4.13
C SER B 184 -14.17 -23.27 5.39
N GLY B 185 -15.23 -23.96 5.82
CA GLY B 185 -15.20 -24.78 7.02
C GLY B 185 -15.20 -23.94 8.28
N HIS B 186 -14.26 -24.24 9.18
CA HIS B 186 -14.11 -23.49 10.43
C HIS B 186 -13.54 -22.09 10.19
N ARG B 187 -12.99 -21.87 9.00
CA ARG B 187 -12.41 -20.58 8.63
C ARG B 187 -13.48 -19.50 8.44
N SER B 188 -14.70 -19.91 8.08
CA SER B 188 -15.82 -18.99 7.90
C SER B 188 -16.17 -18.23 9.19
N ALA B 189 -15.88 -18.85 10.33
CA ALA B 189 -16.08 -18.22 11.64
C ALA B 189 -15.21 -16.98 11.84
N LEU B 190 -14.11 -16.91 11.09
CA LEU B 190 -13.24 -15.74 11.10
C LEU B 190 -13.71 -14.73 10.05
N PRO B 191 -13.93 -13.49 10.46
CA PRO B 191 -14.44 -12.43 9.56
C PRO B 191 -13.41 -11.98 8.54
N HIS B 192 -12.21 -11.64 8.99
CA HIS B 192 -11.13 -11.23 8.11
C HIS B 192 -10.28 -12.45 7.71
N GLY B 193 -10.96 -13.50 7.26
CA GLY B 193 -10.33 -14.75 6.90
C GLY B 193 -9.84 -14.78 5.46
N VAL B 194 -8.69 -14.14 5.23
CA VAL B 194 -8.04 -14.11 3.92
C VAL B 194 -7.83 -15.54 3.40
N ALA B 195 -8.08 -15.73 2.10
CA ALA B 195 -7.93 -17.04 1.44
C ALA B 195 -6.60 -17.70 1.76
N SER B 196 -6.64 -18.98 2.10
CA SER B 196 -5.45 -19.73 2.49
C SER B 196 -5.25 -20.99 1.64
N ASP B 197 -4.25 -21.79 2.00
CA ASP B 197 -3.94 -23.04 1.28
C ASP B 197 -4.93 -24.17 1.57
N LYS B 198 -5.76 -23.98 2.59
CA LYS B 198 -6.77 -24.96 2.98
C LYS B 198 -7.72 -25.31 1.84
N ARG B 199 -8.03 -26.60 1.71
CA ARG B 199 -8.88 -27.10 0.63
C ARG B 199 -10.33 -27.18 1.06
N ILE B 200 -11.23 -26.77 0.17
CA ILE B 200 -12.67 -26.78 0.44
C ILE B 200 -13.25 -28.18 0.32
N GLU B 201 -14.02 -28.59 1.34
CA GLU B 201 -14.72 -29.86 1.33
C GLU B 201 -16.23 -29.64 1.25
N ARG B 202 -16.96 -30.65 0.79
CA ARG B 202 -18.41 -30.57 0.65
C ARG B 202 -19.13 -30.48 1.98
N GLY B 203 -20.08 -29.56 2.08
CA GLY B 203 -20.84 -29.34 3.31
C GLY B 203 -20.34 -28.17 4.13
N ASP B 204 -19.22 -27.59 3.71
CA ASP B 204 -18.64 -26.44 4.39
C ASP B 204 -19.26 -25.13 3.93
N LEU B 205 -19.29 -24.15 4.83
CA LEU B 205 -19.78 -22.82 4.51
C LEU B 205 -18.63 -21.97 3.98
N VAL B 206 -18.77 -21.52 2.73
CA VAL B 206 -17.73 -20.72 2.08
C VAL B 206 -18.15 -19.25 1.98
N VAL B 207 -17.46 -18.41 2.74
CA VAL B 207 -17.69 -16.96 2.73
C VAL B 207 -16.78 -16.31 1.69
N ILE B 208 -17.41 -15.70 0.68
CA ILE B 208 -16.68 -15.05 -0.40
C ILE B 208 -16.77 -13.54 -0.28
N ASP B 209 -15.65 -12.92 0.09
CA ASP B 209 -15.57 -11.48 0.32
C ASP B 209 -14.45 -10.88 -0.53
N LEU B 210 -14.82 -9.99 -1.44
CA LEU B 210 -13.85 -9.37 -2.36
C LEU B 210 -14.28 -7.95 -2.77
N GLY B 211 -13.34 -7.23 -3.37
CA GLY B 211 -13.61 -5.89 -3.85
C GLY B 211 -12.72 -5.53 -5.03
N ALA B 212 -13.17 -4.58 -5.83
CA ALA B 212 -12.39 -4.09 -6.96
C ALA B 212 -11.99 -2.65 -6.75
N LEU B 213 -10.73 -2.35 -7.03
CA LEU B 213 -10.27 -0.98 -7.16
C LEU B 213 -10.26 -0.64 -8.65
N TYR B 214 -11.16 0.24 -9.06
CA TYR B 214 -11.30 0.64 -10.45
C TYR B 214 -11.26 2.16 -10.53
N ASN B 215 -10.35 2.68 -11.36
CA ASN B 215 -10.17 4.12 -11.54
C ASN B 215 -10.16 4.90 -10.22
N HIS B 216 -9.37 4.40 -9.27
CA HIS B 216 -9.16 5.00 -7.95
C HIS B 216 -10.30 4.81 -6.94
N TYR B 217 -11.39 4.17 -7.36
CA TYR B 217 -12.53 3.95 -6.47
C TYR B 217 -12.79 2.48 -6.16
N ASN B 218 -13.31 2.23 -4.96
CA ASN B 218 -13.45 0.88 -4.45
C ASN B 218 -14.87 0.32 -4.47
N SER B 219 -14.97 -1.01 -4.42
CA SER B 219 -16.23 -1.71 -4.25
C SER B 219 -16.05 -2.78 -3.17
N ASP B 220 -17.17 -3.32 -2.69
CA ASP B 220 -17.13 -4.29 -1.60
C ASP B 220 -18.37 -5.18 -1.61
N ILE B 221 -18.15 -6.49 -1.63
CA ILE B 221 -19.23 -7.46 -1.68
C ILE B 221 -18.89 -8.77 -0.95
N THR B 222 -19.86 -9.31 -0.24
CA THR B 222 -19.72 -10.62 0.39
C THR B 222 -20.94 -11.51 0.09
N ARG B 223 -20.67 -12.73 -0.35
CA ARG B 223 -21.69 -13.76 -0.50
C ARG B 223 -21.27 -15.02 0.24
N THR B 224 -22.22 -15.68 0.88
CA THR B 224 -21.95 -16.93 1.60
C THR B 224 -22.70 -18.10 0.96
N ILE B 225 -21.94 -19.10 0.53
CA ILE B 225 -22.51 -20.32 -0.06
C ILE B 225 -22.14 -21.55 0.77
N VAL B 226 -22.69 -22.71 0.40
CA VAL B 226 -22.39 -23.96 1.08
C VAL B 226 -21.81 -24.98 0.10
N ALA B 244 -32.72 -9.59 7.40
CA ALA B 244 -31.76 -8.98 8.33
C ALA B 244 -30.84 -7.99 7.61
N GLN B 245 -30.25 -8.43 6.50
CA GLN B 245 -29.48 -7.54 5.62
C GLN B 245 -30.44 -6.72 4.77
N LYS B 246 -31.51 -7.36 4.31
CA LYS B 246 -32.54 -6.72 3.49
C LYS B 246 -33.22 -5.57 4.24
N ARG B 247 -33.50 -5.78 5.53
CA ARG B 247 -34.18 -4.80 6.36
C ARG B 247 -33.33 -3.57 6.69
N ALA B 248 -32.01 -3.75 6.74
CA ALA B 248 -31.08 -2.65 6.99
C ALA B 248 -30.96 -1.73 5.78
N VAL B 249 -30.87 -2.33 4.59
CA VAL B 249 -30.81 -1.59 3.33
C VAL B 249 -32.12 -0.83 3.07
N GLU B 250 -33.24 -1.46 3.40
CA GLU B 250 -34.57 -0.87 3.22
C GLU B 250 -34.84 0.31 4.17
N ALA B 251 -34.14 0.32 5.30
CA ALA B 251 -34.39 1.30 6.36
C ALA B 251 -33.60 2.60 6.26
N ALA B 252 -32.48 2.59 5.52
CA ALA B 252 -31.59 3.74 5.44
C ALA B 252 -32.20 4.96 4.74
N LYS B 253 -33.03 5.70 5.48
CA LYS B 253 -33.63 6.94 4.97
C LYS B 253 -32.93 8.18 5.55
N PRO B 254 -32.10 8.84 4.73
CA PRO B 254 -31.21 9.92 5.16
C PRO B 254 -31.81 10.92 6.16
N GLY B 255 -30.98 11.39 7.07
CA GLY B 255 -31.44 12.12 8.25
C GLY B 255 -31.23 11.22 9.46
N MET B 256 -31.22 9.92 9.18
CA MET B 256 -30.91 8.88 10.15
C MET B 256 -29.43 8.92 10.53
N THR B 257 -29.12 8.56 11.78
CA THR B 257 -27.74 8.46 12.24
C THR B 257 -27.14 7.11 11.87
N ALA B 258 -25.81 7.03 11.89
CA ALA B 258 -25.09 5.79 11.59
C ALA B 258 -25.35 4.70 12.62
N LYS B 259 -25.51 5.11 13.88
CA LYS B 259 -25.82 4.19 14.99
C LYS B 259 -27.21 3.58 14.83
N GLU B 260 -28.18 4.40 14.40
CA GLU B 260 -29.56 3.96 14.21
C GLU B 260 -29.67 2.91 13.10
N LEU B 261 -28.83 3.05 12.08
CA LEU B 261 -28.75 2.06 11.00
C LEU B 261 -28.22 0.73 11.51
N ASP B 262 -27.14 0.80 12.29
CA ASP B 262 -26.55 -0.37 12.95
C ASP B 262 -27.54 -1.07 13.88
N SER B 263 -28.39 -0.27 14.52
CA SER B 263 -29.39 -0.78 15.45
C SER B 263 -30.40 -1.73 14.80
N ILE B 264 -30.75 -1.45 13.54
CA ILE B 264 -31.76 -2.23 12.80
C ILE B 264 -31.36 -3.70 12.64
N ALA B 265 -30.18 -3.94 12.08
CA ALA B 265 -29.71 -5.31 11.82
C ALA B 265 -29.33 -6.04 13.11
N ARG B 266 -28.71 -5.32 14.04
CA ARG B 266 -28.30 -5.88 15.32
C ARG B 266 -29.50 -6.31 16.19
N GLU B 267 -30.62 -5.60 16.05
CA GLU B 267 -31.84 -5.92 16.78
C GLU B 267 -32.47 -7.22 16.28
N ILE B 268 -32.49 -7.41 14.96
CA ILE B 268 -33.02 -8.63 14.35
C ILE B 268 -32.20 -9.86 14.77
N ILE B 269 -30.87 -9.73 14.71
CA ILE B 269 -29.95 -10.79 15.11
C ILE B 269 -30.05 -11.10 16.62
N LYS B 270 -30.23 -10.07 17.43
CA LYS B 270 -30.43 -10.24 18.88
C LYS B 270 -31.78 -10.89 19.20
N GLU B 271 -32.78 -10.61 18.35
CA GLU B 271 -34.12 -11.18 18.51
C GLU B 271 -34.15 -12.68 18.24
N TYR B 272 -33.31 -13.12 17.31
CA TYR B 272 -33.19 -14.53 16.97
C TYR B 272 -32.38 -15.31 18.01
N GLY B 273 -31.52 -14.60 18.74
CA GLY B 273 -30.71 -15.19 19.79
C GLY B 273 -29.24 -15.32 19.47
N TYR B 274 -28.77 -14.53 18.50
CA TYR B 274 -27.37 -14.57 18.07
C TYR B 274 -26.67 -13.22 18.27
N GLY B 275 -27.23 -12.38 19.14
CA GLY B 275 -26.70 -11.06 19.41
C GLY B 275 -25.36 -11.09 20.12
N TYR B 277 -22.35 -12.91 18.63
CA TYR B 277 -21.90 -13.46 17.34
C TYR B 277 -21.77 -12.36 16.29
N PHE B 278 -22.67 -11.38 16.33
CA PHE B 278 -22.54 -10.16 15.53
C PHE B 278 -21.48 -9.27 16.20
N ILE B 279 -20.21 -9.59 15.95
CA ILE B 279 -19.09 -9.02 16.68
C ILE B 279 -18.52 -7.73 16.07
N HIS B 280 -18.55 -7.64 14.74
CA HIS B 280 -18.06 -6.45 14.06
C HIS B 280 -19.19 -5.44 13.83
N SER B 281 -18.84 -4.29 13.25
CA SER B 281 -19.82 -3.26 12.90
C SER B 281 -20.66 -3.69 11.70
N LEU B 282 -21.80 -3.03 11.50
CA LEU B 282 -22.69 -3.33 10.37
C LEU B 282 -22.05 -2.98 9.03
N GLY B 283 -21.28 -1.89 9.00
CA GLY B 283 -20.60 -1.48 7.78
C GLY B 283 -19.64 -0.32 7.91
N HIS B 284 -19.25 0.22 6.75
CA HIS B 284 -18.25 1.27 6.66
C HIS B 284 -18.45 2.03 5.35
N GLY B 285 -17.94 3.26 5.30
CA GLY B 285 -17.93 4.04 4.08
C GLY B 285 -16.95 3.46 3.06
N VAL B 286 -17.24 3.67 1.79
CA VAL B 286 -16.41 3.17 0.69
C VAL B 286 -16.21 4.29 -0.34
N GLY B 287 -14.96 4.53 -0.72
CA GLY B 287 -14.64 5.54 -1.72
C GLY B 287 -13.26 5.35 -2.32
N LEU B 288 -12.39 6.32 -2.09
CA LEU B 288 -10.99 6.22 -2.52
C LEU B 288 -10.24 5.18 -1.69
N GLU B 289 -10.80 4.87 -0.54
CA GLU B 289 -10.28 3.81 0.33
C GLU B 289 -11.38 2.78 0.56
N ILE B 290 -10.99 1.56 0.88
CA ILE B 290 -11.95 0.49 1.14
C ILE B 290 -12.73 0.71 2.44
N HIS B 291 -12.03 1.26 3.44
CA HIS B 291 -12.64 1.59 4.73
C HIS B 291 -12.50 3.08 5.01
N GLU B 292 -13.61 3.80 4.93
CA GLU B 292 -13.64 5.23 5.25
C GLU B 292 -14.92 5.65 5.95
N TRP B 293 -15.12 6.95 6.09
CA TRP B 293 -16.26 7.50 6.82
C TRP B 293 -17.57 7.39 6.04
N PRO B 294 -18.68 7.15 6.74
CA PRO B 294 -18.67 6.89 8.18
C PRO B 294 -18.62 5.39 8.50
N ARG B 295 -18.49 5.07 9.80
CA ARG B 295 -18.64 3.69 10.24
C ARG B 295 -20.08 3.47 10.67
N ILE B 296 -20.61 2.28 10.39
CA ILE B 296 -21.98 1.95 10.78
C ILE B 296 -21.98 0.86 11.86
N TYR B 299 -21.20 3.33 18.11
CA TYR B 299 -20.14 4.26 18.51
C TYR B 299 -20.14 5.51 17.64
N ASP B 300 -20.53 5.33 16.38
CA ASP B 300 -20.59 6.44 15.41
C ASP B 300 -22.01 7.02 15.33
N GLU B 301 -22.10 8.34 15.37
CA GLU B 301 -23.39 9.03 15.33
C GLU B 301 -23.48 10.10 14.25
N THR B 302 -22.83 9.85 13.11
CA THR B 302 -22.89 10.76 11.95
C THR B 302 -24.25 10.69 11.28
N VAL B 303 -24.78 11.84 10.89
CA VAL B 303 -26.06 11.92 10.18
C VAL B 303 -25.84 11.55 8.71
N LEU B 304 -26.49 10.47 8.28
CA LEU B 304 -26.37 9.98 6.92
C LEU B 304 -27.06 10.93 5.93
N LYS B 305 -26.32 11.29 4.87
CA LYS B 305 -26.78 12.23 3.86
C LYS B 305 -26.77 11.57 2.48
N GLU B 306 -27.52 12.12 1.53
CA GLU B 306 -27.52 11.62 0.15
C GLU B 306 -26.14 11.78 -0.49
N GLY B 307 -25.74 10.78 -1.27
CA GLY B 307 -24.43 10.78 -1.91
C GLY B 307 -23.38 9.99 -1.14
N MET B 308 -23.70 9.65 0.11
CA MET B 308 -22.82 8.83 0.93
C MET B 308 -22.83 7.39 0.43
N VAL B 309 -21.64 6.81 0.27
CA VAL B 309 -21.52 5.43 -0.17
C VAL B 309 -21.03 4.56 0.97
N ILE B 310 -21.91 3.67 1.43
CA ILE B 310 -21.63 2.84 2.60
C ILE B 310 -21.78 1.35 2.30
N THR B 311 -21.39 0.54 3.26
CA THR B 311 -21.46 -0.92 3.17
C THR B 311 -22.45 -1.41 4.24
N ILE B 312 -23.23 -2.43 3.90
CA ILE B 312 -24.10 -3.09 4.87
C ILE B 312 -23.82 -4.59 4.90
N GLU B 313 -23.19 -5.04 5.98
CA GLU B 313 -22.72 -6.42 6.11
C GLU B 313 -22.91 -7.03 7.51
N PRO B 314 -24.09 -7.59 7.76
CA PRO B 314 -24.31 -8.37 8.99
C PRO B 314 -23.67 -9.75 8.90
N GLY B 315 -23.36 -10.33 10.06
CA GLY B 315 -22.76 -11.65 10.13
C GLY B 315 -22.97 -12.38 11.44
N ILE B 316 -23.03 -13.71 11.37
CA ILE B 316 -23.10 -14.56 12.55
C ILE B 316 -21.93 -15.54 12.54
N TYR B 317 -21.15 -15.54 13.62
CA TYR B 317 -19.98 -16.40 13.74
C TYR B 317 -19.92 -17.09 15.09
N GLY B 322 -18.62 -22.19 12.22
CA GLY B 322 -19.52 -21.71 11.19
C GLY B 322 -19.55 -20.19 11.07
N GLY B 323 -19.74 -19.71 9.84
CA GLY B 323 -19.81 -18.28 9.58
C GLY B 323 -20.63 -17.93 8.35
N VAL B 324 -21.46 -16.90 8.47
CA VAL B 324 -22.29 -16.41 7.37
C VAL B 324 -22.18 -14.88 7.29
N ARG B 325 -21.86 -14.37 6.11
CA ARG B 325 -21.84 -12.92 5.88
C ARG B 325 -22.46 -12.57 4.53
N ILE B 326 -23.36 -11.59 4.54
CA ILE B 326 -23.96 -11.05 3.33
C ILE B 326 -23.71 -9.55 3.31
N GLU B 327 -23.08 -9.06 2.24
CA GLU B 327 -22.70 -7.66 2.15
C GLU B 327 -22.98 -7.02 0.79
N ASP B 328 -23.49 -5.80 0.83
CA ASP B 328 -23.69 -5.00 -0.37
C ASP B 328 -23.16 -3.58 -0.19
N THR B 329 -22.55 -3.06 -1.28
CA THR B 329 -22.23 -1.64 -1.36
C THR B 329 -23.52 -0.90 -1.71
N VAL B 330 -23.86 0.09 -0.89
CA VAL B 330 -25.13 0.80 -1.03
C VAL B 330 -24.95 2.31 -1.09
N LEU B 331 -25.71 2.94 -1.98
CA LEU B 331 -25.72 4.39 -2.12
C LEU B 331 -26.93 4.99 -1.42
N ILE B 332 -26.69 5.97 -0.57
CA ILE B 332 -27.77 6.73 0.05
C ILE B 332 -28.30 7.73 -0.97
N THR B 333 -29.57 7.58 -1.34
CA THR B 333 -30.23 8.47 -2.30
C THR B 333 -31.17 9.41 -1.56
N GLU B 334 -31.85 10.26 -2.31
CA GLU B 334 -32.91 11.10 -1.74
C GLU B 334 -34.06 10.20 -1.32
N ASN B 335 -34.34 10.21 -0.01
CA ASN B 335 -35.38 9.38 0.60
C ASN B 335 -35.21 7.87 0.37
N GLY B 336 -34.05 7.35 0.79
CA GLY B 336 -33.77 5.92 0.71
C GLY B 336 -32.33 5.56 0.37
N ALA B 337 -32.10 4.28 0.14
CA ALA B 337 -30.79 3.77 -0.25
C ALA B 337 -30.92 2.66 -1.29
N LYS B 338 -29.97 2.59 -2.21
CA LYS B 338 -30.00 1.59 -3.28
C LYS B 338 -28.72 0.76 -3.37
N ARG B 339 -28.89 -0.51 -3.72
CA ARG B 339 -27.75 -1.43 -3.86
C ARG B 339 -27.00 -1.16 -5.16
N LEU B 340 -25.68 -1.01 -5.04
CA LEU B 340 -24.82 -0.84 -6.21
C LEU B 340 -24.24 -2.17 -6.65
N THR B 341 -24.07 -3.09 -5.71
CA THR B 341 -23.70 -4.47 -6.00
C THR B 341 -24.97 -5.29 -6.25
N LYS B 342 -25.04 -5.91 -7.42
CA LYS B 342 -26.22 -6.67 -7.83
C LYS B 342 -25.90 -8.14 -8.07
N THR B 343 -25.80 -8.89 -6.97
CA THR B 343 -25.69 -10.34 -6.99
C THR B 343 -26.77 -10.92 -6.09
N GLU B 344 -27.34 -12.06 -6.49
CA GLU B 344 -28.38 -12.74 -5.70
C GLU B 344 -27.92 -13.04 -4.28
N ARG B 345 -28.79 -12.72 -3.31
CA ARG B 345 -28.45 -12.84 -1.89
C ARG B 345 -28.64 -14.27 -1.38
#